data_4RE5
#
_entry.id   4RE5
#
_cell.length_a   63.813
_cell.length_b   104.430
_cell.length_c   170.080
_cell.angle_alpha   90.00
_cell.angle_beta   90.00
_cell.angle_gamma   90.00
#
_symmetry.space_group_name_H-M   'P 21 21 21'
#
loop_
_entity.id
_entity.type
_entity.pdbx_description
1 polymer 'Acylamino-acid-releasing enzyme'
2 non-polymer N-[(benzyloxy)carbonyl]glycyl-N-[(2S,3R)-4-chloro-3-hydroxy-1-phenylbutan-2-yl]glycinamide
3 non-polymer 'ACETATE ION'
4 non-polymer (4S)-2-METHYL-2,4-PENTANEDIOL
5 non-polymer 'CHLORIDE ION'
6 water water
#
_entity_poly.entity_id   1
_entity_poly.type   'polypeptide(L)'
_entity_poly.pdbx_seq_one_letter_code
;MRIIMPVEFSRIVRDVERLIAVEKYSLQGVVDGDKLLVVGFSEGSVNAYLYDGGETVKLNREPINSVLDPHYGVGRVILV
RDVSKGAEQHALFKVNTSRPGEEQRLEAVKPMRILSGVDTGEAVVFTGATEDRVALYALDGGGLRELARLPGFGFVSDIR
GDLIAGLGFFGGGRVSLFTSNLSSGGLRVFDSGEGSFSSASISPGMKVTAGLETAREARLVTVDPRDGSVEDLELPSKDF
SSYRPTAITWLGYLPDGRLAVVARREGRSAVFIDGERVEAPQGNHGRVVLWRGKLVTSHTSLSTPPRIVSLPSGEPLLEG
GLPEDLRRSIAGSRLVWVESFDGSRVPTYVLESGRAPTPGPTVVLVHGGPFAEDSDSWDTFAASLAAAGFHVVMPNYRGS
TGYGEEWRLKIIGDPCGGELEDVSAAARWARESGLASELYIMGYSYGGYMTLCALTMKPGLFKAGVAGASVVDWEEMYEL
SDAAFRNFIEQLTGGSREIMRSRSPINHVDRIKEPLALIHPQNDSRTPLKPLLRLMGELLARGKTFEAHIIPDAGHAINT
MEDAVKILLPAVFFLATQRERR
;
_entity_poly.pdbx_strand_id   A,B
#
loop_
_chem_comp.id
_chem_comp.type
_chem_comp.name
_chem_comp.formula
ACT non-polymer 'ACETATE ION' 'C2 H3 O2 -1'
CL non-polymer 'CHLORIDE ION' 'Cl -1'
MPD non-polymer (4S)-2-METHYL-2,4-PENTANEDIOL 'C6 H14 O2'
Y3A non-polymer N-[(benzyloxy)carbonyl]glycyl-N-[(2S,3R)-4-chloro-3-hydroxy-1-phenylbutan-2-yl]glycinamide 'C22 H26 Cl N3 O5'
#
# COMPACT_ATOMS: atom_id res chain seq x y z
N GLU A 8 -5.50 1.95 -18.78
CA GLU A 8 -4.28 1.61 -17.98
C GLU A 8 -4.36 2.29 -16.61
N PHE A 9 -3.71 1.69 -15.63
CA PHE A 9 -3.63 2.30 -14.31
C PHE A 9 -2.94 3.70 -14.31
N SER A 10 -2.24 4.08 -15.40
CA SER A 10 -1.46 5.31 -15.35
C SER A 10 -2.40 6.45 -15.69
N ARG A 11 -3.40 6.18 -16.52
CA ARG A 11 -4.45 7.15 -16.81
C ARG A 11 -5.35 7.35 -15.57
N ILE A 12 -5.42 6.31 -14.70
CA ILE A 12 -6.13 6.37 -13.44
C ILE A 12 -5.40 7.20 -12.43
N VAL A 13 -4.13 6.94 -12.27
CA VAL A 13 -3.32 7.76 -11.37
C VAL A 13 -3.52 9.24 -11.76
N ARG A 14 -3.53 9.52 -13.06
CA ARG A 14 -3.60 10.89 -13.51
CA ARG A 14 -3.60 10.90 -13.50
C ARG A 14 -4.96 11.51 -13.13
N ASP A 15 -6.05 10.79 -13.34
CA ASP A 15 -7.37 11.35 -13.01
C ASP A 15 -7.58 11.52 -11.50
N VAL A 16 -7.20 10.51 -10.75
CA VAL A 16 -7.25 10.62 -9.31
C VAL A 16 -6.43 11.74 -8.79
N GLU A 17 -5.20 11.83 -9.27
CA GLU A 17 -4.37 12.96 -8.84
C GLU A 17 -5.06 14.25 -9.19
N ARG A 18 -5.64 14.35 -10.40
CA ARG A 18 -6.21 15.68 -10.80
C ARG A 18 -7.44 16.02 -9.97
N LEU A 19 -8.24 15.01 -9.65
CA LEU A 19 -9.42 15.16 -8.80
C LEU A 19 -9.05 15.59 -7.39
N ILE A 20 -7.99 15.01 -6.84
CA ILE A 20 -7.50 15.45 -5.54
C ILE A 20 -6.92 16.84 -5.59
N ALA A 21 -6.24 17.15 -6.70
CA ALA A 21 -5.47 18.41 -6.82
C ALA A 21 -6.36 19.63 -7.00
N VAL A 22 -7.58 19.45 -7.48
CA VAL A 22 -8.43 20.66 -7.72
C VAL A 22 -8.63 21.40 -6.41
N GLU A 23 -8.50 22.70 -6.44
CA GLU A 23 -8.63 23.50 -5.26
C GLU A 23 -10.03 23.51 -4.70
N LYS A 24 -10.10 23.54 -3.37
CA LYS A 24 -11.34 23.46 -2.65
C LYS A 24 -11.30 24.53 -1.56
N TYR A 25 -12.44 25.23 -1.34
CA TYR A 25 -12.47 26.31 -0.38
C TYR A 25 -13.61 26.21 0.58
N SER A 26 -13.32 26.74 1.75
CA SER A 26 -14.27 26.86 2.80
C SER A 26 -14.24 28.30 3.28
N LEU A 27 -15.41 28.90 3.47
CA LEU A 27 -15.51 30.31 3.98
C LEU A 27 -15.58 30.31 5.49
N GLN A 28 -14.67 31.03 6.13
CA GLN A 28 -14.61 31.06 7.61
C GLN A 28 -15.07 32.36 8.24
N GLY A 29 -14.86 33.49 7.59
CA GLY A 29 -15.34 34.77 8.15
C GLY A 29 -14.76 35.93 7.40
N VAL A 30 -14.86 37.09 8.05
CA VAL A 30 -14.39 38.33 7.52
C VAL A 30 -13.49 38.94 8.59
N VAL A 31 -12.25 39.18 8.23
CA VAL A 31 -11.27 39.74 9.16
C VAL A 31 -10.56 40.97 8.60
N ASP A 32 -9.72 41.54 9.45
CA ASP A 32 -8.90 42.76 9.18
C ASP A 32 -9.72 43.83 8.57
N GLY A 33 -9.23 44.34 7.45
CA GLY A 33 -10.02 45.40 6.76
C GLY A 33 -10.97 44.83 5.71
N ASP A 34 -12.09 44.27 6.16
CA ASP A 34 -13.07 43.68 5.25
C ASP A 34 -12.40 42.70 4.24
N LYS A 35 -11.61 41.77 4.74
CA LYS A 35 -11.07 40.73 3.90
C LYS A 35 -11.69 39.39 4.24
N LEU A 36 -12.03 38.59 3.23
CA LEU A 36 -12.49 37.23 3.47
C LEU A 36 -11.41 36.35 3.98
N LEU A 37 -11.78 35.55 4.97
CA LEU A 37 -10.91 34.52 5.47
C LEU A 37 -11.39 33.15 4.95
N VAL A 38 -10.54 32.44 4.25
CA VAL A 38 -10.94 31.19 3.73
C VAL A 38 -9.91 30.14 4.09
N VAL A 39 -10.37 28.91 4.31
CA VAL A 39 -9.45 27.80 4.34
C VAL A 39 -9.52 27.18 2.97
N GLY A 40 -8.34 26.93 2.40
CA GLY A 40 -8.28 26.33 1.09
C GLY A 40 -7.32 25.19 0.95
N PHE A 41 -7.77 24.18 0.26
CA PHE A 41 -6.87 23.13 -0.22
C PHE A 41 -6.29 23.63 -1.53
N SER A 42 -5.01 23.96 -1.51
CA SER A 42 -4.38 24.54 -2.67
C SER A 42 -2.89 24.35 -2.52
N GLU A 43 -2.21 24.26 -3.66
CA GLU A 43 -0.76 24.03 -3.66
C GLU A 43 -0.45 22.77 -2.86
N GLY A 44 -1.29 21.77 -2.99
CA GLY A 44 -1.02 20.48 -2.36
C GLY A 44 -1.31 20.32 -0.86
N SER A 45 -1.90 21.31 -0.21
CA SER A 45 -2.23 21.18 1.21
C SER A 45 -3.27 22.12 1.70
N VAL A 46 -3.73 21.93 2.94
CA VAL A 46 -4.74 22.81 3.54
C VAL A 46 -4.01 23.99 4.19
N ASN A 47 -4.42 25.20 3.76
CA ASN A 47 -3.88 26.47 4.16
C ASN A 47 -4.98 27.45 4.40
N ALA A 48 -4.60 28.55 5.02
CA ALA A 48 -5.52 29.65 5.33
C ALA A 48 -5.13 30.89 4.47
N TYR A 49 -6.13 31.56 3.94
CA TYR A 49 -5.95 32.70 3.04
C TYR A 49 -6.85 33.89 3.35
N LEU A 50 -6.32 35.06 3.03
CA LEU A 50 -7.11 36.27 2.93
C LEU A 50 -7.42 36.48 1.48
N TYR A 51 -8.64 36.92 1.18
CA TYR A 51 -9.04 37.24 -0.16
C TYR A 51 -9.75 38.61 -0.09
N ASP A 52 -9.35 39.48 -1.00
CA ASP A 52 -9.88 40.84 -1.05
C ASP A 52 -10.07 41.36 -2.47
N GLY A 53 -10.54 40.53 -3.38
CA GLY A 53 -10.85 40.98 -4.77
C GLY A 53 -9.85 40.52 -5.84
N GLY A 54 -8.67 40.10 -5.44
CA GLY A 54 -7.67 39.71 -6.41
C GLY A 54 -7.03 38.37 -6.12
N GLU A 55 -5.73 38.38 -5.90
CA GLU A 55 -4.98 37.15 -5.55
C GLU A 55 -5.11 36.90 -4.06
N THR A 56 -5.06 35.66 -3.70
CA THR A 56 -5.05 35.33 -2.27
C THR A 56 -3.71 35.64 -1.60
N VAL A 57 -3.78 35.82 -0.27
CA VAL A 57 -2.60 35.96 0.53
C VAL A 57 -2.52 34.88 1.60
N LYS A 58 -1.43 34.13 1.59
CA LYS A 58 -1.36 32.95 2.45
C LYS A 58 -0.98 33.37 3.85
N LEU A 59 -1.74 32.93 4.86
CA LEU A 59 -1.48 33.35 6.24
C LEU A 59 -0.49 32.47 6.98
N ASN A 60 -0.56 31.19 6.70
CA ASN A 60 0.21 30.20 7.46
C ASN A 60 1.48 29.84 6.68
N ARG A 61 2.37 29.14 7.31
CA ARG A 61 3.48 28.56 6.61
C ARG A 61 3.25 27.10 6.32
N GLU A 62 3.47 26.25 7.31
CA GLU A 62 3.21 24.83 7.14
C GLU A 62 1.69 24.56 7.09
N PRO A 63 1.31 23.46 6.44
CA PRO A 63 -0.10 23.12 6.39
C PRO A 63 -0.79 23.12 7.77
N ILE A 64 -2.08 23.39 7.76
CA ILE A 64 -2.90 23.37 8.93
C ILE A 64 -4.08 22.42 8.78
N ASN A 65 -4.94 22.42 9.78
CA ASN A 65 -6.21 21.70 9.67
C ASN A 65 -7.39 22.62 9.55
N SER A 66 -7.37 23.70 10.31
CA SER A 66 -8.49 24.62 10.35
CA SER A 66 -8.48 24.61 10.29
C SER A 66 -8.08 25.91 10.95
N VAL A 67 -9.04 26.82 11.09
CA VAL A 67 -8.87 28.14 11.78
C VAL A 67 -10.02 28.29 12.72
N LEU A 68 -9.84 29.04 13.79
CA LEU A 68 -10.96 29.32 14.66
C LEU A 68 -11.85 30.38 14.01
N ASP A 69 -13.11 30.45 14.46
CA ASP A 69 -14.11 31.32 13.86
C ASP A 69 -13.90 32.74 14.36
N PRO A 70 -13.56 33.65 13.46
CA PRO A 70 -13.22 35.00 13.92
C PRO A 70 -14.44 35.88 14.00
N HIS A 71 -14.46 36.78 14.98
CA HIS A 71 -15.40 37.87 14.96
C HIS A 71 -15.13 38.74 13.81
N TYR A 72 -16.17 39.41 13.32
CA TYR A 72 -16.04 40.28 12.18
C TYR A 72 -14.94 41.33 12.40
N GLY A 73 -14.08 41.49 11.38
CA GLY A 73 -13.05 42.49 11.37
C GLY A 73 -11.86 42.32 12.32
N VAL A 74 -11.73 41.21 13.05
CA VAL A 74 -10.56 41.03 13.93
C VAL A 74 -9.25 41.05 13.12
N GLY A 75 -8.17 41.58 13.71
CA GLY A 75 -6.87 41.75 13.03
C GLY A 75 -5.90 40.59 13.15
N ARG A 76 -6.43 39.39 13.43
CA ARG A 76 -5.64 38.18 13.54
C ARG A 76 -6.45 36.92 13.25
N VAL A 77 -5.75 35.82 13.03
CA VAL A 77 -6.36 34.52 12.72
C VAL A 77 -5.65 33.48 13.60
N ILE A 78 -6.42 32.58 14.19
CA ILE A 78 -5.87 31.50 14.98
C ILE A 78 -5.91 30.20 14.18
N LEU A 79 -4.73 29.72 13.79
CA LEU A 79 -4.60 28.47 13.04
C LEU A 79 -4.65 27.30 14.04
N VAL A 80 -5.32 26.24 13.61
CA VAL A 80 -5.30 24.99 14.29
C VAL A 80 -4.47 24.02 13.49
N ARG A 81 -3.41 23.52 14.11
CA ARG A 81 -2.49 22.62 13.40
C ARG A 81 -2.17 21.38 14.22
N ASP A 82 -2.22 20.20 13.58
CA ASP A 82 -1.80 18.97 14.23
C ASP A 82 -0.27 19.05 14.37
N VAL A 83 0.24 18.93 15.59
CA VAL A 83 1.66 18.83 15.81
C VAL A 83 2.06 17.44 16.30
N SER A 84 1.29 16.43 15.93
CA SER A 84 1.50 15.05 16.31
C SER A 84 1.48 14.09 15.10
N LYS A 85 1.77 14.60 13.89
CA LYS A 85 1.93 13.76 12.70
C LYS A 85 0.66 12.90 12.47
N GLY A 86 -0.46 13.57 12.68
CA GLY A 86 -1.79 13.03 12.38
C GLY A 86 -2.65 12.53 13.51
N ALA A 87 -2.06 12.42 14.69
CA ALA A 87 -2.80 11.98 15.85
C ALA A 87 -3.74 13.03 16.44
N GLU A 88 -3.74 14.23 15.90
CA GLU A 88 -4.77 15.25 16.22
C GLU A 88 -4.65 15.72 17.66
N GLN A 89 -3.40 15.75 18.11
CA GLN A 89 -3.03 16.66 19.16
C GLN A 89 -2.62 17.94 18.42
N HIS A 90 -3.47 18.94 18.53
CA HIS A 90 -3.22 20.16 17.87
C HIS A 90 -2.67 21.26 18.81
N ALA A 91 -2.02 22.26 18.20
CA ALA A 91 -1.70 23.54 18.85
C ALA A 91 -2.28 24.68 18.05
N LEU A 92 -2.43 25.81 18.72
CA LEU A 92 -2.93 27.02 18.16
C LEU A 92 -1.80 28.02 17.88
N PHE A 93 -1.93 28.69 16.73
CA PHE A 93 -0.89 29.61 16.25
C PHE A 93 -1.63 30.87 15.79
N LYS A 94 -1.29 32.00 16.42
CA LYS A 94 -1.81 33.33 16.04
C LYS A 94 -1.04 33.89 14.83
N VAL A 95 -1.77 34.37 13.81
CA VAL A 95 -1.23 35.17 12.73
C VAL A 95 -1.91 36.53 12.74
N ASN A 96 -1.12 37.59 12.86
CA ASN A 96 -1.58 38.97 12.67
CA ASN A 96 -1.61 38.96 12.70
C ASN A 96 -1.90 39.17 11.18
N THR A 97 -3.11 39.63 10.85
CA THR A 97 -3.50 39.75 9.44
C THR A 97 -2.66 40.74 8.63
N SER A 98 -1.97 41.68 9.30
CA SER A 98 -1.02 42.59 8.61
C SER A 98 0.37 42.02 8.40
N ARG A 99 0.65 40.86 9.01
CA ARG A 99 1.92 40.21 8.87
C ARG A 99 1.71 38.72 8.55
N PRO A 100 1.15 38.47 7.39
CA PRO A 100 0.91 37.08 6.98
C PRO A 100 2.20 36.31 7.00
N GLY A 101 2.14 35.01 7.30
CA GLY A 101 3.30 34.13 7.27
C GLY A 101 4.14 34.09 8.56
N GLU A 102 3.86 34.99 9.50
CA GLU A 102 4.48 35.00 10.82
C GLU A 102 3.56 34.42 11.88
N GLU A 103 3.96 33.30 12.42
CA GLU A 103 3.14 32.56 13.35
C GLU A 103 3.65 32.66 14.76
N GLN A 104 2.77 32.82 15.72
CA GLN A 104 3.15 32.82 17.13
C GLN A 104 2.33 31.74 17.83
N ARG A 105 2.99 30.68 18.26
CA ARG A 105 2.31 29.57 18.93
C ARG A 105 1.75 30.02 20.25
N LEU A 106 0.55 29.59 20.60
CA LEU A 106 -0.05 29.96 21.87
C LEU A 106 0.33 28.90 22.94
N GLU A 107 1.44 29.14 23.66
CA GLU A 107 2.09 28.10 24.47
C GLU A 107 1.33 27.80 25.71
N ALA A 108 0.43 28.69 26.15
CA ALA A 108 -0.39 28.42 27.34
C ALA A 108 -1.30 27.24 27.08
N VAL A 109 -1.50 26.89 25.81
CA VAL A 109 -2.41 25.79 25.48
C VAL A 109 -1.59 24.58 25.00
N LYS A 110 -1.45 23.61 25.87
CA LYS A 110 -0.76 22.39 25.54
C LYS A 110 -1.51 21.66 24.44
N PRO A 111 -0.78 20.83 23.71
CA PRO A 111 -1.48 20.06 22.69
C PRO A 111 -2.65 19.24 23.24
N MET A 112 -3.77 19.31 22.50
CA MET A 112 -4.95 18.54 22.82
C MET A 112 -5.81 18.43 21.54
N ARG A 113 -6.85 17.63 21.56
CA ARG A 113 -7.71 17.55 20.37
C ARG A 113 -8.56 18.81 20.43
N ILE A 114 -8.32 19.75 19.55
CA ILE A 114 -9.10 20.98 19.56
C ILE A 114 -10.35 20.65 18.72
N LEU A 115 -11.53 20.87 19.31
CA LEU A 115 -12.80 20.50 18.72
C LEU A 115 -13.43 21.65 18.03
N SER A 116 -13.19 22.89 18.49
CA SER A 116 -13.93 24.05 17.98
C SER A 116 -13.37 25.24 18.64
N GLY A 117 -13.66 26.43 18.12
CA GLY A 117 -13.39 27.64 18.83
C GLY A 117 -13.62 28.90 18.05
N VAL A 118 -13.72 29.97 18.83
CA VAL A 118 -14.05 31.33 18.32
C VAL A 118 -13.00 32.30 18.89
N ASP A 119 -12.64 33.29 18.09
CA ASP A 119 -11.75 34.32 18.46
C ASP A 119 -12.48 35.63 18.44
N THR A 120 -12.64 36.23 19.61
CA THR A 120 -13.29 37.57 19.70
C THR A 120 -12.37 38.73 19.31
N GLY A 121 -11.07 38.48 19.23
CA GLY A 121 -10.05 39.51 19.01
C GLY A 121 -9.36 39.85 20.32
N GLU A 122 -10.03 39.58 21.43
CA GLU A 122 -9.49 39.78 22.75
C GLU A 122 -9.42 38.48 23.57
N ALA A 123 -10.23 37.49 23.22
CA ALA A 123 -10.18 36.19 23.91
C ALA A 123 -10.41 35.10 22.92
N VAL A 124 -9.70 34.00 23.12
CA VAL A 124 -9.82 32.83 22.27
C VAL A 124 -10.56 31.83 23.13
N VAL A 125 -11.72 31.37 22.66
CA VAL A 125 -12.54 30.44 23.43
C VAL A 125 -12.71 29.17 22.61
N PHE A 126 -12.41 28.03 23.19
CA PHE A 126 -12.37 26.83 22.40
C PHE A 126 -12.77 25.64 23.28
N THR A 127 -13.18 24.54 22.64
CA THR A 127 -13.37 23.28 23.32
C THR A 127 -12.24 22.33 22.89
N GLY A 128 -11.81 21.51 23.83
CA GLY A 128 -10.72 20.58 23.60
C GLY A 128 -10.88 19.35 24.41
N ALA A 129 -10.32 18.25 23.90
CA ALA A 129 -10.41 16.99 24.62
C ALA A 129 -9.05 16.50 25.00
N THR A 130 -8.95 16.01 26.23
CA THR A 130 -7.70 15.36 26.63
C THR A 130 -8.09 13.92 26.94
N GLU A 131 -7.18 13.20 27.57
CA GLU A 131 -7.42 11.83 27.97
CA GLU A 131 -7.44 11.84 27.94
C GLU A 131 -8.58 11.78 28.96
N ASP A 132 -8.64 12.75 29.88
CA ASP A 132 -9.60 12.69 31.00
C ASP A 132 -10.84 13.61 30.90
N ARG A 133 -10.81 14.61 30.01
CA ARG A 133 -11.90 15.59 29.98
C ARG A 133 -12.11 16.17 28.59
N VAL A 134 -13.32 16.72 28.40
CA VAL A 134 -13.61 17.66 27.35
C VAL A 134 -13.96 18.91 28.06
N ALA A 135 -13.39 20.02 27.62
CA ALA A 135 -13.61 21.26 28.35
C ALA A 135 -13.72 22.43 27.43
N LEU A 136 -14.39 23.45 27.96
CA LEU A 136 -14.52 24.75 27.39
C LEU A 136 -13.45 25.62 28.09
N TYR A 137 -12.60 26.24 27.28
CA TYR A 137 -11.48 27.02 27.71
C TYR A 137 -11.62 28.45 27.19
N ALA A 138 -11.08 29.40 27.93
CA ALA A 138 -10.85 30.73 27.41
C ALA A 138 -9.39 31.13 27.66
N LEU A 139 -8.79 31.70 26.63
CA LEU A 139 -7.45 32.25 26.72
C LEU A 139 -7.53 33.73 26.39
N ASP A 140 -7.14 34.58 27.33
CA ASP A 140 -7.06 36.04 27.10
C ASP A 140 -5.75 36.59 27.69
N GLY A 141 -5.69 37.89 27.93
CA GLY A 141 -4.51 38.51 28.50
C GLY A 141 -4.16 37.89 29.84
N GLY A 142 -5.18 37.54 30.63
CA GLY A 142 -4.97 36.89 31.92
C GLY A 142 -4.45 35.46 31.90
N GLY A 143 -4.35 34.83 30.71
CA GLY A 143 -3.92 33.43 30.64
C GLY A 143 -5.09 32.52 30.29
N LEU A 144 -4.89 31.21 30.47
CA LEU A 144 -5.81 30.16 30.13
C LEU A 144 -6.67 29.88 31.33
N ARG A 145 -7.95 29.71 31.11
CA ARG A 145 -8.90 29.37 32.17
C ARG A 145 -9.83 28.30 31.66
N GLU A 146 -10.25 27.40 32.56
CA GLU A 146 -11.11 26.33 32.19
C GLU A 146 -12.48 26.78 32.63
N LEU A 147 -13.35 27.10 31.67
CA LEU A 147 -14.67 27.68 31.96
C LEU A 147 -15.62 26.65 32.43
N ALA A 148 -15.57 25.48 31.80
CA ALA A 148 -16.39 24.37 32.18
C ALA A 148 -15.86 23.09 31.61
N ARG A 149 -16.11 22.03 32.36
CA ARG A 149 -15.91 20.68 31.94
C ARG A 149 -17.22 20.29 31.27
N LEU A 150 -17.16 19.57 30.17
CA LEU A 150 -18.37 19.22 29.43
C LEU A 150 -18.68 17.75 29.56
N PRO A 151 -19.98 17.38 29.57
CA PRO A 151 -20.33 15.94 29.52
C PRO A 151 -20.02 15.10 28.27
N GLY A 152 -19.36 15.65 27.26
CA GLY A 152 -19.04 14.86 26.06
C GLY A 152 -18.57 15.83 25.01
N PHE A 153 -18.44 15.41 23.76
CA PHE A 153 -18.14 16.30 22.68
C PHE A 153 -19.04 17.59 22.83
N GLY A 154 -18.39 18.73 22.69
CA GLY A 154 -19.04 20.01 22.66
C GLY A 154 -18.28 20.93 21.74
N PHE A 155 -19.00 21.89 21.18
CA PHE A 155 -18.49 22.80 20.16
C PHE A 155 -19.02 24.20 20.49
N VAL A 156 -18.14 25.16 20.51
CA VAL A 156 -18.49 26.53 20.72
C VAL A 156 -19.11 27.01 19.41
N SER A 157 -20.24 27.70 19.49
CA SER A 157 -20.96 28.15 18.29
C SER A 157 -20.82 29.66 18.13
N ASP A 158 -20.87 30.40 19.23
CA ASP A 158 -20.91 31.84 19.12
C ASP A 158 -20.60 32.47 20.49
N ILE A 159 -20.08 33.70 20.45
CA ILE A 159 -19.88 34.51 21.64
CA ILE A 159 -19.87 34.51 21.63
C ILE A 159 -20.39 35.90 21.28
N ARG A 160 -21.20 36.45 22.16
CA ARG A 160 -21.59 37.83 22.04
C ARG A 160 -21.50 38.39 23.45
N GLY A 161 -20.72 39.47 23.60
CA GLY A 161 -20.37 39.99 24.90
C GLY A 161 -19.71 38.94 25.79
N ASP A 162 -20.31 38.73 26.94
CA ASP A 162 -19.86 37.70 27.87
C ASP A 162 -20.56 36.35 27.71
N LEU A 163 -21.49 36.25 26.76
CA LEU A 163 -22.31 35.05 26.68
C LEU A 163 -21.67 34.15 25.64
N ILE A 164 -21.49 32.88 26.01
CA ILE A 164 -20.93 31.89 25.13
C ILE A 164 -22.00 30.83 24.89
N ALA A 165 -22.25 30.54 23.62
CA ALA A 165 -23.23 29.55 23.24
C ALA A 165 -22.53 28.42 22.47
N GLY A 166 -22.98 27.19 22.71
CA GLY A 166 -22.46 26.03 22.00
C GLY A 166 -23.42 24.88 21.90
N LEU A 167 -22.96 23.79 21.29
CA LEU A 167 -23.77 22.63 21.04
C LEU A 167 -23.00 21.45 21.67
N GLY A 168 -23.74 20.58 22.34
CA GLY A 168 -23.21 19.47 23.15
C GLY A 168 -23.82 18.13 22.82
N PHE A 169 -22.97 17.14 22.58
CA PHE A 169 -23.43 15.77 22.44
C PHE A 169 -23.33 15.11 23.85
N PHE A 170 -24.34 15.33 24.65
CA PHE A 170 -24.27 15.02 26.06
C PHE A 170 -25.17 13.84 26.42
N GLY A 171 -25.68 13.12 25.41
CA GLY A 171 -26.22 11.80 25.67
C GLY A 171 -27.17 11.33 24.60
N GLY A 172 -27.13 10.02 24.33
CA GLY A 172 -28.09 9.38 23.48
C GLY A 172 -28.02 9.78 22.01
N GLY A 173 -26.92 10.40 21.59
CA GLY A 173 -26.88 10.98 20.20
C GLY A 173 -27.54 12.33 20.03
N ARG A 174 -28.15 12.83 21.08
CA ARG A 174 -28.96 14.05 21.02
C ARG A 174 -28.06 15.22 21.26
N VAL A 175 -28.36 16.35 20.62
CA VAL A 175 -27.62 17.57 20.74
C VAL A 175 -28.33 18.59 21.63
N SER A 176 -27.68 18.94 22.73
CA SER A 176 -28.10 19.98 23.62
C SER A 176 -27.50 21.33 23.25
N LEU A 177 -28.07 22.40 23.75
CA LEU A 177 -27.45 23.71 23.72
C LEU A 177 -26.78 23.89 25.05
N PHE A 178 -25.64 24.55 25.04
CA PHE A 178 -25.09 25.04 26.29
C PHE A 178 -24.68 26.51 26.20
N THR A 179 -24.67 27.13 27.37
CA THR A 179 -24.11 28.42 27.53
C THR A 179 -23.10 28.48 28.70
N SER A 180 -22.24 29.49 28.57
CA SER A 180 -21.29 29.82 29.57
C SER A 180 -21.14 31.34 29.54
N ASN A 181 -20.33 31.78 30.49
CA ASN A 181 -19.92 33.18 30.63
CA ASN A 181 -19.93 33.12 30.67
C ASN A 181 -18.41 33.28 30.47
N LEU A 182 -17.98 34.18 29.61
CA LEU A 182 -16.55 34.38 29.36
C LEU A 182 -15.84 34.84 30.63
N SER A 183 -16.45 35.77 31.37
CA SER A 183 -15.73 36.32 32.56
C SER A 183 -15.67 35.30 33.71
N SER A 184 -16.78 34.61 33.98
CA SER A 184 -16.92 33.79 35.18
C SER A 184 -17.14 32.25 34.93
N GLY A 185 -17.15 31.79 33.65
CA GLY A 185 -17.22 30.36 33.33
C GLY A 185 -18.54 29.73 33.74
N GLY A 186 -18.52 28.45 34.12
CA GLY A 186 -19.77 27.73 34.44
C GLY A 186 -20.43 27.13 33.20
N LEU A 187 -21.52 26.40 33.44
CA LEU A 187 -22.23 25.73 32.38
C LEU A 187 -23.73 25.58 32.61
N ARG A 188 -24.50 26.00 31.60
CA ARG A 188 -25.93 25.79 31.62
C ARG A 188 -26.25 24.91 30.40
N VAL A 189 -27.02 23.83 30.58
CA VAL A 189 -27.37 22.93 29.49
C VAL A 189 -28.85 22.97 29.21
N PHE A 190 -29.23 23.12 27.93
CA PHE A 190 -30.64 23.19 27.59
C PHE A 190 -30.91 22.02 26.66
N ASP A 191 -31.81 21.15 27.10
CA ASP A 191 -32.23 19.98 26.35
C ASP A 191 -33.60 20.25 25.70
N SER A 192 -33.83 19.78 24.48
CA SER A 192 -35.19 19.75 23.98
C SER A 192 -35.73 18.34 24.04
N GLY A 193 -36.96 18.16 24.55
CA GLY A 193 -37.67 16.86 24.43
C GLY A 193 -38.12 16.55 22.97
N GLU A 194 -38.14 17.53 22.10
CA GLU A 194 -38.60 17.31 20.70
C GLU A 194 -37.48 16.86 19.73
N GLY A 195 -36.22 17.00 20.09
CA GLY A 195 -35.20 16.76 19.11
C GLY A 195 -33.88 17.33 19.48
N SER A 196 -33.08 17.69 18.47
CA SER A 196 -31.70 18.13 18.73
C SER A 196 -31.42 19.52 18.18
N PHE A 197 -30.65 20.29 18.95
CA PHE A 197 -30.22 21.59 18.50
C PHE A 197 -29.18 21.44 17.43
N SER A 198 -29.17 22.30 16.45
CA SER A 198 -28.29 22.07 15.31
C SER A 198 -27.19 23.13 14.94
N SER A 199 -27.39 24.33 15.36
CA SER A 199 -26.50 25.43 15.05
C SER A 199 -27.02 26.53 15.99
N ALA A 200 -26.23 27.54 16.30
CA ALA A 200 -26.65 28.52 17.32
C ALA A 200 -25.98 29.84 17.15
N SER A 201 -26.71 30.92 17.43
CA SER A 201 -26.09 32.22 17.36
C SER A 201 -26.87 33.15 18.29
N ILE A 202 -26.12 34.06 18.93
CA ILE A 202 -26.68 34.92 19.97
C ILE A 202 -27.23 36.21 19.37
N SER A 203 -28.49 36.49 19.59
CA SER A 203 -29.14 37.66 19.03
C SER A 203 -28.62 38.91 19.74
N PRO A 204 -28.82 40.09 19.13
CA PRO A 204 -28.52 41.40 19.75
C PRO A 204 -29.28 41.53 21.07
N GLY A 205 -30.42 40.87 21.17
CA GLY A 205 -31.15 40.74 22.45
C GLY A 205 -30.59 39.78 23.49
N MET A 206 -29.46 39.14 23.20
CA MET A 206 -28.83 38.17 24.13
C MET A 206 -29.68 36.93 24.43
N LYS A 207 -30.47 36.54 23.46
CA LYS A 207 -31.10 35.22 23.47
C LYS A 207 -30.30 34.37 22.51
N VAL A 208 -30.56 33.06 22.58
CA VAL A 208 -29.82 32.12 21.71
C VAL A 208 -30.78 31.63 20.66
N THR A 209 -30.56 32.05 19.42
CA THR A 209 -31.33 31.52 18.29
C THR A 209 -30.66 30.19 17.89
N ALA A 210 -31.48 29.16 17.80
CA ALA A 210 -30.98 27.84 17.44
C ALA A 210 -31.89 27.16 16.44
N GLY A 211 -31.27 26.33 15.61
CA GLY A 211 -32.04 25.37 14.81
C GLY A 211 -32.42 24.22 15.68
N LEU A 212 -33.66 23.79 15.59
CA LEU A 212 -34.08 22.61 16.30
C LEU A 212 -34.53 21.56 15.31
N GLU A 213 -33.85 20.41 15.33
CA GLU A 213 -34.16 19.29 14.40
C GLU A 213 -35.02 18.27 15.13
N THR A 214 -36.25 18.10 14.65
CA THR A 214 -37.23 17.22 15.30
C THR A 214 -37.39 16.02 14.40
N ALA A 215 -38.39 15.18 14.71
CA ALA A 215 -38.41 13.82 14.23
C ALA A 215 -38.23 13.79 12.72
N ARG A 216 -38.94 14.65 12.02
CA ARG A 216 -38.88 14.65 10.53
C ARG A 216 -38.82 16.04 9.93
N GLU A 217 -38.58 17.07 10.73
CA GLU A 217 -38.68 18.47 10.31
C GLU A 217 -37.67 19.30 11.15
N ALA A 218 -37.41 20.54 10.73
CA ALA A 218 -36.53 21.44 11.50
C ALA A 218 -37.20 22.78 11.63
N ARG A 219 -36.93 23.50 12.73
CA ARG A 219 -37.40 24.91 12.87
C ARG A 219 -36.46 25.76 13.67
N LEU A 220 -36.76 27.06 13.76
CA LEU A 220 -35.94 27.96 14.57
C LEU A 220 -36.59 28.28 15.86
N VAL A 221 -35.79 28.27 16.92
CA VAL A 221 -36.29 28.61 18.24
C VAL A 221 -35.41 29.64 18.88
N THR A 222 -35.98 30.31 19.89
CA THR A 222 -35.35 31.29 20.70
C THR A 222 -35.24 30.75 22.10
N VAL A 223 -34.02 30.65 22.59
CA VAL A 223 -33.82 30.15 23.92
C VAL A 223 -33.33 31.34 24.73
N ASP A 224 -33.98 31.58 25.85
CA ASP A 224 -33.53 32.58 26.78
C ASP A 224 -32.63 31.87 27.78
N PRO A 225 -31.33 32.14 27.70
CA PRO A 225 -30.39 31.46 28.58
C PRO A 225 -30.58 31.79 30.06
N ARG A 226 -31.37 32.82 30.37
CA ARG A 226 -31.62 33.22 31.78
C ARG A 226 -32.59 32.27 32.47
N ASP A 227 -33.62 31.81 31.77
CA ASP A 227 -34.59 30.89 32.40
C ASP A 227 -34.79 29.58 31.65
N GLY A 228 -34.13 29.41 30.50
CA GLY A 228 -34.28 28.19 29.74
C GLY A 228 -35.60 28.15 28.98
N SER A 229 -36.36 29.26 28.97
CA SER A 229 -37.61 29.31 28.21
C SER A 229 -37.30 29.19 26.72
N VAL A 230 -38.17 28.49 25.99
CA VAL A 230 -38.02 28.31 24.55
C VAL A 230 -39.30 28.76 23.82
N GLU A 231 -39.16 29.41 22.68
CA GLU A 231 -40.33 29.68 21.86
C GLU A 231 -39.91 29.62 20.42
N ASP A 232 -40.87 29.49 19.52
CA ASP A 232 -40.57 29.47 18.12
C ASP A 232 -40.15 30.86 17.74
N LEU A 233 -39.21 30.97 16.82
CA LEU A 233 -38.82 32.30 16.34
C LEU A 233 -39.58 32.63 15.06
N GLU A 234 -40.25 33.77 15.02
CA GLU A 234 -40.94 34.19 13.82
C GLU A 234 -40.07 35.20 13.13
N LEU A 235 -39.85 35.01 11.83
CA LEU A 235 -39.03 35.94 11.10
C LEU A 235 -39.90 36.86 10.23
N PRO A 236 -39.38 38.04 9.85
CA PRO A 236 -40.19 38.97 9.08
C PRO A 236 -40.72 38.37 7.77
N SER A 237 -39.90 37.61 7.05
CA SER A 237 -40.32 36.96 5.82
C SER A 237 -40.57 35.48 6.06
N LYS A 238 -41.58 34.94 5.36
CA LYS A 238 -42.05 33.56 5.61
C LYS A 238 -41.47 32.52 4.63
N ASP A 239 -40.49 32.90 3.84
CA ASP A 239 -39.90 31.93 2.90
C ASP A 239 -39.29 30.75 3.62
N PHE A 240 -38.60 31.05 4.72
CA PHE A 240 -37.94 29.99 5.47
C PHE A 240 -38.97 28.99 6.01
N SER A 241 -39.97 29.48 6.73
CA SER A 241 -40.96 28.54 7.28
C SER A 241 -41.69 27.82 6.18
N SER A 242 -41.94 28.45 5.07
CA SER A 242 -42.69 27.76 4.03
CA SER A 242 -42.67 27.79 3.99
C SER A 242 -41.78 26.73 3.33
N TYR A 243 -40.45 26.91 3.38
CA TYR A 243 -39.53 25.91 2.80
C TYR A 243 -39.54 24.56 3.56
N ARG A 244 -39.94 24.58 4.81
CA ARG A 244 -40.09 23.35 5.62
C ARG A 244 -38.80 22.50 5.56
N PRO A 245 -37.68 23.12 5.92
CA PRO A 245 -36.46 22.32 5.96
C PRO A 245 -36.57 21.07 6.81
N THR A 246 -35.77 20.05 6.48
CA THR A 246 -35.57 18.90 7.36
C THR A 246 -34.42 19.05 8.35
N ALA A 247 -33.43 19.84 7.93
CA ALA A 247 -32.30 20.08 8.78
C ALA A 247 -31.78 21.49 8.64
N ILE A 248 -31.03 21.91 9.65
CA ILE A 248 -30.43 23.21 9.61
C ILE A 248 -28.90 23.07 9.54
N THR A 249 -28.31 23.64 8.49
CA THR A 249 -26.93 23.60 8.30
C THR A 249 -26.19 24.58 9.15
N TRP A 250 -26.57 25.87 9.12
CA TRP A 250 -25.78 26.85 9.81
C TRP A 250 -26.72 28.05 9.92
N LEU A 251 -26.54 28.81 10.99
CA LEU A 251 -27.11 30.12 11.12
C LEU A 251 -26.22 31.05 11.84
N GLY A 252 -26.47 32.35 11.68
CA GLY A 252 -25.53 33.36 12.25
C GLY A 252 -26.08 34.77 12.00
N TYR A 253 -25.91 35.65 12.98
CA TYR A 253 -26.28 37.06 12.84
C TYR A 253 -25.21 37.82 12.06
N LEU A 254 -25.64 38.59 11.06
CA LEU A 254 -24.70 39.42 10.32
C LEU A 254 -24.44 40.71 11.13
N PRO A 255 -23.41 41.47 10.78
CA PRO A 255 -23.08 42.64 11.58
C PRO A 255 -24.11 43.71 11.47
N ASP A 256 -25.03 43.62 10.49
CA ASP A 256 -26.15 44.57 10.41
C ASP A 256 -27.40 44.10 11.15
N GLY A 257 -27.31 42.99 11.89
CA GLY A 257 -28.42 42.51 12.72
C GLY A 257 -29.31 41.46 12.06
N ARG A 258 -29.23 41.33 10.75
CA ARG A 258 -29.99 40.32 10.08
C ARG A 258 -29.51 38.88 10.32
N LEU A 259 -30.49 37.98 10.40
CA LEU A 259 -30.23 36.59 10.63
C LEU A 259 -30.06 35.85 9.31
N ALA A 260 -28.90 35.27 9.14
CA ALA A 260 -28.66 34.38 8.05
C ALA A 260 -28.84 32.93 8.50
N VAL A 261 -29.56 32.15 7.71
CA VAL A 261 -29.78 30.70 7.92
C VAL A 261 -29.59 29.96 6.62
N VAL A 262 -28.87 28.87 6.70
CA VAL A 262 -28.79 27.91 5.66
C VAL A 262 -29.44 26.63 6.15
N ALA A 263 -30.43 26.17 5.41
CA ALA A 263 -31.19 24.98 5.82
C ALA A 263 -31.37 24.10 4.63
N ARG A 264 -31.72 22.87 4.87
CA ARG A 264 -31.72 21.91 3.82
C ARG A 264 -32.82 20.83 3.90
N ARG A 265 -33.12 20.27 2.74
CA ARG A 265 -34.03 19.12 2.56
C ARG A 265 -33.59 18.29 1.42
N GLU A 266 -33.66 16.95 1.53
CA GLU A 266 -33.21 16.07 0.45
C GLU A 266 -31.86 16.39 -0.19
N GLY A 267 -30.87 16.68 0.63
CA GLY A 267 -29.50 16.83 0.20
C GLY A 267 -29.19 18.09 -0.60
N ARG A 268 -30.04 19.10 -0.47
CA ARG A 268 -29.78 20.40 -1.08
C ARG A 268 -30.27 21.45 -0.08
N SER A 269 -29.54 22.58 -0.04
CA SER A 269 -29.80 23.65 0.85
C SER A 269 -30.33 24.93 0.14
N ALA A 270 -30.72 25.88 0.95
CA ALA A 270 -31.19 27.16 0.57
C ALA A 270 -30.76 28.15 1.66
N VAL A 271 -30.67 29.42 1.28
CA VAL A 271 -30.14 30.46 2.08
C VAL A 271 -31.22 31.51 2.31
N PHE A 272 -31.36 31.89 3.59
CA PHE A 272 -32.40 32.83 3.94
C PHE A 272 -31.80 33.95 4.78
N ILE A 273 -32.31 35.18 4.61
CA ILE A 273 -31.85 36.36 5.35
C ILE A 273 -33.08 37.03 5.95
N ASP A 274 -33.18 37.03 7.29
CA ASP A 274 -34.45 37.37 7.96
C ASP A 274 -35.67 36.71 7.37
N GLY A 275 -35.47 35.44 6.97
CA GLY A 275 -36.52 34.57 6.60
C GLY A 275 -36.78 34.59 5.12
N GLU A 276 -36.14 35.52 4.39
CA GLU A 276 -36.35 35.70 2.96
C GLU A 276 -35.32 34.90 2.19
N ARG A 277 -35.82 34.11 1.22
CA ARG A 277 -34.94 33.31 0.39
C ARG A 277 -34.04 34.17 -0.49
N VAL A 278 -32.76 33.83 -0.55
CA VAL A 278 -31.84 34.45 -1.45
C VAL A 278 -31.43 33.42 -2.52
N GLU A 279 -31.43 33.83 -3.79
CA GLU A 279 -31.09 32.88 -4.85
C GLU A 279 -29.65 32.42 -4.61
N ALA A 280 -29.43 31.12 -4.79
CA ALA A 280 -28.10 30.56 -4.64
C ALA A 280 -27.96 29.38 -5.58
N PRO A 281 -26.73 29.12 -6.04
CA PRO A 281 -26.46 27.99 -6.95
C PRO A 281 -26.89 26.67 -6.33
N GLN A 282 -27.44 25.80 -7.17
CA GLN A 282 -28.01 24.55 -6.70
C GLN A 282 -26.94 23.62 -6.09
N GLY A 283 -27.24 23.08 -4.90
CA GLY A 283 -26.35 22.19 -4.24
C GLY A 283 -26.43 22.45 -2.73
N ASN A 284 -25.25 22.66 -2.12
CA ASN A 284 -25.18 22.99 -0.71
C ASN A 284 -24.31 24.17 -0.38
N HIS A 285 -24.68 24.88 0.68
CA HIS A 285 -24.04 26.09 1.08
C HIS A 285 -23.53 26.02 2.50
N GLY A 286 -22.53 26.84 2.77
CA GLY A 286 -21.92 26.87 4.10
C GLY A 286 -22.28 28.13 4.79
N ARG A 287 -21.37 28.64 5.58
CA ARG A 287 -21.63 29.88 6.21
C ARG A 287 -21.85 31.10 5.24
N VAL A 288 -22.57 32.09 5.71
CA VAL A 288 -22.89 33.28 4.92
C VAL A 288 -22.25 34.46 5.63
N VAL A 289 -21.58 35.31 4.87
CA VAL A 289 -21.05 36.56 5.46
C VAL A 289 -21.48 37.74 4.64
N LEU A 290 -21.41 38.89 5.29
CA LEU A 290 -21.52 40.17 4.67
C LEU A 290 -20.12 40.68 4.39
N TRP A 291 -19.83 40.95 3.12
CA TRP A 291 -18.48 41.41 2.70
C TRP A 291 -18.61 42.60 1.78
N ARG A 292 -18.11 43.79 2.18
CA ARG A 292 -18.35 45.07 1.46
C ARG A 292 -19.82 45.20 1.22
N GLY A 293 -20.64 44.85 2.23
CA GLY A 293 -22.07 45.02 2.11
C GLY A 293 -22.79 44.08 1.18
N LYS A 294 -22.13 43.01 0.73
CA LYS A 294 -22.70 42.04 -0.15
CA LYS A 294 -22.81 42.04 -0.08
C LYS A 294 -22.58 40.65 0.45
N LEU A 295 -23.46 39.76 0.02
CA LEU A 295 -23.55 38.41 0.63
C LEU A 295 -22.66 37.44 -0.10
N VAL A 296 -22.02 36.61 0.71
CA VAL A 296 -21.07 35.65 0.21
C VAL A 296 -21.24 34.31 0.93
N THR A 297 -21.09 33.20 0.21
CA THR A 297 -21.17 31.93 0.89
C THR A 297 -20.29 30.94 0.16
N SER A 298 -20.18 29.76 0.73
CA SER A 298 -19.57 28.64 0.02
C SER A 298 -20.62 27.88 -0.69
N HIS A 299 -20.21 27.24 -1.75
CA HIS A 299 -21.10 26.41 -2.46
C HIS A 299 -20.41 25.15 -2.97
N THR A 300 -21.16 24.07 -3.03
CA THR A 300 -20.62 22.80 -3.58
C THR A 300 -21.78 22.02 -4.15
N SER A 301 -21.49 21.11 -5.06
CA SER A 301 -22.44 20.15 -5.52
C SER A 301 -21.69 18.92 -5.99
N LEU A 302 -22.42 17.90 -6.37
CA LEU A 302 -21.77 16.66 -6.85
C LEU A 302 -20.85 16.89 -8.06
N SER A 303 -21.04 17.99 -8.79
CA SER A 303 -20.12 18.31 -9.84
C SER A 303 -19.40 19.63 -9.66
N THR A 304 -19.39 20.16 -8.45
CA THR A 304 -18.73 21.38 -8.15
C THR A 304 -17.91 21.27 -6.83
N PRO A 305 -16.60 21.19 -6.95
CA PRO A 305 -15.74 21.29 -5.75
C PRO A 305 -16.00 22.54 -4.94
N PRO A 306 -15.84 22.48 -3.60
CA PRO A 306 -16.30 23.61 -2.79
C PRO A 306 -15.62 24.90 -3.21
N ARG A 307 -16.44 25.92 -3.40
CA ARG A 307 -15.98 27.21 -3.96
C ARG A 307 -16.69 28.32 -3.20
N ILE A 308 -16.23 29.55 -3.36
CA ILE A 308 -16.75 30.68 -2.63
C ILE A 308 -17.47 31.55 -3.68
N VAL A 309 -18.73 31.86 -3.45
CA VAL A 309 -19.52 32.63 -4.43
C VAL A 309 -20.25 33.84 -3.81
N SER A 310 -20.57 34.77 -4.68
CA SER A 310 -21.42 35.91 -4.36
C SER A 310 -22.92 35.55 -4.56
N LEU A 311 -23.78 36.04 -3.66
CA LEU A 311 -25.25 35.87 -3.73
C LEU A 311 -25.87 37.26 -3.98
N PRO A 312 -26.92 37.30 -4.83
CA PRO A 312 -27.66 36.20 -5.47
C PRO A 312 -27.15 35.75 -6.82
N SER A 313 -26.14 36.42 -7.34
CA SER A 313 -25.69 36.11 -8.66
C SER A 313 -25.11 34.75 -8.83
N GLY A 314 -24.42 34.26 -7.83
CA GLY A 314 -23.70 33.01 -8.01
C GLY A 314 -22.34 33.16 -8.66
N GLU A 315 -21.85 34.40 -8.85
CA GLU A 315 -20.53 34.55 -9.47
C GLU A 315 -19.42 34.10 -8.47
N PRO A 316 -18.36 33.42 -8.96
CA PRO A 316 -17.33 32.80 -8.12
C PRO A 316 -16.26 33.80 -7.78
N LEU A 317 -15.85 33.78 -6.49
CA LEU A 317 -14.76 34.58 -5.99
C LEU A 317 -13.52 33.74 -5.97
N LEU A 318 -13.70 32.46 -5.59
CA LEU A 318 -12.65 31.50 -5.46
C LEU A 318 -13.18 30.19 -5.80
N GLU A 319 -12.56 29.59 -6.80
CA GLU A 319 -13.07 28.40 -7.36
C GLU A 319 -11.97 27.64 -8.05
N GLY A 320 -11.94 26.37 -7.71
CA GLY A 320 -11.09 25.45 -8.42
C GLY A 320 -11.95 24.86 -9.48
N GLY A 321 -11.57 25.09 -10.70
CA GLY A 321 -12.36 24.64 -11.87
C GLY A 321 -12.16 23.14 -12.11
N LEU A 322 -13.29 22.42 -12.21
CA LEU A 322 -13.24 21.02 -12.56
C LEU A 322 -12.98 20.93 -14.07
N PRO A 323 -11.84 20.37 -14.48
CA PRO A 323 -11.62 20.11 -15.92
C PRO A 323 -12.82 19.44 -16.62
N GLU A 324 -13.09 19.88 -17.83
CA GLU A 324 -14.21 19.38 -18.60
C GLU A 324 -14.20 17.87 -18.76
N ASP A 325 -13.05 17.31 -19.06
CA ASP A 325 -12.99 15.85 -19.32
C ASP A 325 -13.33 15.04 -18.05
N LEU A 326 -13.01 15.61 -16.90
CA LEU A 326 -13.36 14.95 -15.60
C LEU A 326 -14.86 15.14 -15.27
N ARG A 327 -15.40 16.31 -15.60
CA ARG A 327 -16.83 16.61 -15.48
C ARG A 327 -17.64 15.59 -16.24
N ARG A 328 -17.20 15.30 -17.47
CA ARG A 328 -17.95 14.41 -18.38
C ARG A 328 -17.87 12.97 -17.94
N SER A 329 -16.90 12.62 -17.09
CA SER A 329 -16.85 11.28 -16.52
C SER A 329 -18.07 10.92 -15.66
N ILE A 330 -18.78 11.92 -15.14
CA ILE A 330 -20.05 11.68 -14.49
C ILE A 330 -21.15 11.90 -15.49
N ALA A 331 -21.72 10.80 -15.93
CA ALA A 331 -22.72 10.82 -16.96
C ALA A 331 -24.07 11.25 -16.41
N GLY A 332 -24.31 11.09 -15.11
CA GLY A 332 -25.59 11.40 -14.53
C GLY A 332 -25.59 11.25 -13.03
N SER A 333 -26.56 11.89 -12.38
CA SER A 333 -26.83 11.62 -11.01
C SER A 333 -28.31 11.56 -10.70
N ARG A 334 -28.64 10.86 -9.63
CA ARG A 334 -30.02 10.72 -9.21
C ARG A 334 -30.09 10.58 -7.72
N LEU A 335 -31.18 11.09 -7.14
CA LEU A 335 -31.52 10.75 -5.80
C LEU A 335 -32.57 9.69 -5.83
N VAL A 336 -32.34 8.53 -5.25
CA VAL A 336 -33.36 7.47 -5.30
C VAL A 336 -33.71 7.07 -3.91
N TRP A 337 -34.86 6.45 -3.73
CA TRP A 337 -35.30 6.08 -2.37
C TRP A 337 -35.32 4.58 -2.30
N VAL A 338 -34.26 4.01 -1.75
CA VAL A 338 -34.16 2.56 -1.64
C VAL A 338 -35.09 2.05 -0.54
N GLU A 339 -35.85 0.99 -0.79
CA GLU A 339 -36.65 0.43 0.27
C GLU A 339 -35.87 -0.58 1.08
N SER A 340 -35.82 -0.39 2.38
CA SER A 340 -35.04 -1.24 3.25
C SER A 340 -35.88 -2.27 3.94
N PHE A 341 -35.20 -3.12 4.70
CA PHE A 341 -35.81 -4.27 5.38
C PHE A 341 -37.12 -4.04 6.14
N ASP A 342 -37.32 -2.86 6.67
CA ASP A 342 -38.45 -2.59 7.51
C ASP A 342 -39.39 -1.61 6.83
N GLY A 343 -39.19 -1.41 5.54
CA GLY A 343 -40.05 -0.49 4.81
C GLY A 343 -39.54 0.93 4.74
N SER A 344 -38.52 1.27 5.55
CA SER A 344 -37.98 2.60 5.53
C SER A 344 -37.34 2.89 4.16
N ARG A 345 -37.47 4.14 3.77
CA ARG A 345 -36.97 4.61 2.51
CA ARG A 345 -36.98 4.61 2.49
C ARG A 345 -35.64 5.32 2.77
N VAL A 346 -34.57 4.79 2.17
CA VAL A 346 -33.20 5.23 2.41
C VAL A 346 -32.81 6.13 1.25
N PRO A 347 -32.73 7.45 1.50
CA PRO A 347 -32.36 8.37 0.43
C PRO A 347 -30.91 8.10 -0.01
N THR A 348 -30.76 7.81 -1.30
CA THR A 348 -29.53 7.27 -1.81
C THR A 348 -29.14 8.07 -3.03
N TYR A 349 -27.95 8.63 -3.02
CA TYR A 349 -27.46 9.41 -4.18
C TYR A 349 -26.69 8.46 -5.12
N VAL A 350 -26.86 8.59 -6.43
CA VAL A 350 -26.29 7.69 -7.41
C VAL A 350 -25.59 8.43 -8.50
N LEU A 351 -24.33 8.05 -8.80
CA LEU A 351 -23.59 8.64 -9.94
C LEU A 351 -23.44 7.58 -10.96
N GLU A 352 -23.84 7.90 -12.14
CA GLU A 352 -23.54 7.07 -13.25
C GLU A 352 -22.24 7.51 -13.90
N SER A 353 -21.35 6.56 -14.08
CA SER A 353 -20.08 6.79 -14.76
C SER A 353 -20.35 6.83 -16.25
N GLY A 354 -19.78 7.82 -16.89
CA GLY A 354 -19.74 7.87 -18.37
C GLY A 354 -18.72 6.92 -18.94
N ARG A 355 -17.95 6.24 -18.09
CA ARG A 355 -16.91 5.33 -18.61
C ARG A 355 -17.23 3.91 -18.29
N ALA A 356 -18.52 3.63 -18.01
CA ALA A 356 -18.99 2.26 -17.69
C ALA A 356 -20.27 1.98 -18.45
N PRO A 357 -20.48 0.74 -18.88
CA PRO A 357 -21.79 0.39 -19.43
C PRO A 357 -22.85 0.32 -18.33
N THR A 358 -24.10 0.18 -18.74
CA THR A 358 -25.23 0.00 -17.86
C THR A 358 -25.95 -1.25 -18.38
N PRO A 359 -25.97 -2.32 -17.58
CA PRO A 359 -25.43 -2.41 -16.25
C PRO A 359 -23.89 -2.41 -16.22
N GLY A 360 -23.31 -2.06 -15.08
CA GLY A 360 -21.86 -1.94 -15.00
C GLY A 360 -21.34 -2.07 -13.60
N PRO A 361 -20.03 -2.19 -13.47
CA PRO A 361 -19.46 -2.31 -12.17
C PRO A 361 -19.84 -1.08 -11.35
N THR A 362 -20.34 -1.37 -10.18
CA THR A 362 -20.91 -0.38 -9.29
C THR A 362 -20.37 -0.53 -7.90
N VAL A 363 -20.07 0.57 -7.23
CA VAL A 363 -19.51 0.59 -5.86
C VAL A 363 -20.50 1.28 -4.98
N VAL A 364 -20.89 0.61 -3.90
CA VAL A 364 -21.67 1.21 -2.85
C VAL A 364 -20.60 1.82 -1.93
N LEU A 365 -20.53 3.14 -1.97
CA LEU A 365 -19.58 3.93 -1.30
C LEU A 365 -20.23 4.55 -0.07
N VAL A 366 -19.83 4.02 1.05
CA VAL A 366 -20.50 4.25 2.32
C VAL A 366 -19.89 5.40 3.08
N HIS A 367 -20.74 6.38 3.45
CA HIS A 367 -20.21 7.53 4.15
C HIS A 367 -19.78 7.23 5.59
N GLY A 368 -18.94 8.10 6.10
CA GLY A 368 -18.41 8.07 7.47
C GLY A 368 -19.39 8.67 8.47
N GLY A 369 -18.88 8.98 9.63
CA GLY A 369 -19.63 9.63 10.68
C GLY A 369 -19.76 8.80 11.92
N PRO A 370 -20.91 8.17 12.12
CA PRO A 370 -22.09 8.03 11.23
C PRO A 370 -22.95 9.28 11.03
N PHE A 371 -22.84 10.31 11.89
CA PHE A 371 -23.68 11.48 11.73
C PHE A 371 -23.18 12.40 10.60
N ALA A 372 -23.47 11.99 9.37
CA ALA A 372 -23.05 12.72 8.19
C ALA A 372 -24.00 12.25 7.11
N GLU A 373 -23.92 12.85 5.93
CA GLU A 373 -24.85 12.41 4.85
C GLU A 373 -24.17 12.49 3.50
N ASP A 374 -24.65 11.68 2.57
CA ASP A 374 -24.34 11.87 1.12
C ASP A 374 -25.36 12.85 0.66
N SER A 375 -24.90 13.90 -0.03
CA SER A 375 -25.83 15.01 -0.44
C SER A 375 -25.42 15.47 -1.83
N ASP A 376 -26.08 16.53 -2.38
CA ASP A 376 -25.63 17.13 -3.60
C ASP A 376 -24.45 18.03 -3.22
N SER A 377 -23.37 17.36 -2.83
CA SER A 377 -22.08 17.97 -2.40
C SER A 377 -20.91 17.20 -3.02
N TRP A 378 -19.81 17.88 -3.33
CA TRP A 378 -18.68 17.29 -3.92
C TRP A 378 -18.16 16.16 -3.09
N ASP A 379 -17.83 15.07 -3.74
CA ASP A 379 -17.17 13.94 -3.07
C ASP A 379 -16.06 13.40 -3.95
N THR A 380 -14.83 13.63 -3.54
CA THR A 380 -13.62 13.30 -4.37
C THR A 380 -13.55 11.78 -4.70
N PHE A 381 -13.89 10.97 -3.70
CA PHE A 381 -13.86 9.52 -3.81
C PHE A 381 -14.86 9.08 -4.80
N ALA A 382 -16.06 9.62 -4.69
CA ALA A 382 -17.09 9.23 -5.64
C ALA A 382 -16.71 9.66 -7.05
N ALA A 383 -16.19 10.89 -7.19
CA ALA A 383 -15.79 11.37 -8.55
C ALA A 383 -14.66 10.46 -9.12
N SER A 384 -13.77 10.00 -8.27
CA SER A 384 -12.61 9.20 -8.69
CA SER A 384 -12.63 9.21 -8.70
C SER A 384 -13.09 7.85 -9.16
N LEU A 385 -14.04 7.24 -8.43
CA LEU A 385 -14.66 6.02 -8.91
C LEU A 385 -15.38 6.14 -10.27
N ALA A 386 -16.12 7.23 -10.51
CA ALA A 386 -16.76 7.45 -11.79
C ALA A 386 -15.68 7.58 -12.88
N ALA A 387 -14.63 8.34 -12.58
CA ALA A 387 -13.54 8.51 -13.53
C ALA A 387 -12.84 7.19 -13.83
N ALA A 388 -12.82 6.27 -12.85
CA ALA A 388 -12.25 4.98 -13.05
C ALA A 388 -13.21 3.92 -13.66
N GLY A 389 -14.39 4.36 -14.09
CA GLY A 389 -15.35 3.48 -14.73
C GLY A 389 -16.27 2.65 -13.85
N PHE A 390 -16.60 3.17 -12.67
CA PHE A 390 -17.58 2.60 -11.77
C PHE A 390 -18.73 3.56 -11.57
N HIS A 391 -19.94 3.00 -11.60
CA HIS A 391 -21.08 3.70 -11.07
C HIS A 391 -20.98 3.72 -9.53
N VAL A 392 -21.54 4.76 -8.93
CA VAL A 392 -21.42 4.95 -7.46
C VAL A 392 -22.81 5.11 -6.77
N VAL A 393 -23.01 4.36 -5.65
CA VAL A 393 -24.25 4.32 -4.95
C VAL A 393 -23.96 4.69 -3.48
N MET A 394 -24.60 5.76 -3.02
CA MET A 394 -24.27 6.38 -1.73
C MET A 394 -25.48 6.51 -0.84
N PRO A 395 -25.64 5.54 0.07
CA PRO A 395 -26.94 5.43 0.78
C PRO A 395 -26.90 6.10 2.13
N ASN A 396 -27.89 6.92 2.38
CA ASN A 396 -28.00 7.56 3.69
C ASN A 396 -28.66 6.61 4.69
N TYR A 397 -27.89 5.64 5.13
CA TYR A 397 -28.32 4.68 6.08
C TYR A 397 -28.79 5.33 7.37
N ARG A 398 -29.60 4.61 8.16
CA ARG A 398 -30.10 5.16 9.41
C ARG A 398 -28.93 5.50 10.29
N GLY A 399 -28.99 6.66 10.91
CA GLY A 399 -27.80 7.33 11.54
C GLY A 399 -27.32 8.58 10.81
N SER A 400 -27.67 8.67 9.52
CA SER A 400 -27.32 9.81 8.70
C SER A 400 -28.04 11.04 9.15
N THR A 401 -27.37 12.16 8.93
CA THR A 401 -28.02 13.46 9.08
C THR A 401 -28.86 13.81 7.88
N GLY A 402 -29.61 14.92 8.00
CA GLY A 402 -30.32 15.50 6.87
C GLY A 402 -31.75 15.11 6.63
N TYR A 403 -32.25 14.11 7.35
CA TYR A 403 -33.53 13.46 7.11
C TYR A 403 -34.34 13.40 8.39
N GLY A 404 -33.91 14.15 9.41
CA GLY A 404 -34.68 14.23 10.64
C GLY A 404 -34.06 13.48 11.80
N GLU A 405 -34.44 13.93 12.97
CA GLU A 405 -33.94 13.35 14.18
C GLU A 405 -34.23 11.85 14.28
N GLU A 406 -35.42 11.45 13.89
CA GLU A 406 -35.81 10.07 14.10
C GLU A 406 -34.90 9.12 13.29
N TRP A 407 -34.69 9.43 12.00
CA TRP A 407 -33.77 8.61 11.16
C TRP A 407 -32.36 8.60 11.72
N ARG A 408 -31.88 9.78 12.14
CA ARG A 408 -30.53 9.88 12.70
C ARG A 408 -30.35 9.02 14.00
N LEU A 409 -31.33 9.03 14.89
CA LEU A 409 -31.17 8.32 16.17
C LEU A 409 -31.46 6.84 16.10
N LYS A 410 -31.96 6.34 14.97
CA LYS A 410 -32.21 4.92 14.85
C LYS A 410 -30.97 4.10 15.03
N ILE A 411 -29.79 4.67 14.73
CA ILE A 411 -28.56 3.92 14.82
C ILE A 411 -28.09 3.65 16.25
N ILE A 412 -28.52 4.48 17.19
CA ILE A 412 -28.03 4.45 18.59
C ILE A 412 -28.34 3.12 19.21
N GLY A 413 -27.32 2.49 19.80
CA GLY A 413 -27.51 1.17 20.34
C GLY A 413 -27.56 0.04 19.34
N ASP A 414 -27.36 0.34 18.06
CA ASP A 414 -27.51 -0.70 17.02
C ASP A 414 -26.50 -0.60 15.85
N PRO A 415 -25.23 -0.35 16.18
CA PRO A 415 -24.26 -0.36 15.10
C PRO A 415 -24.17 -1.81 14.52
N CYS A 416 -23.96 -1.92 13.23
CA CYS A 416 -23.93 -3.21 12.51
C CYS A 416 -25.33 -3.89 12.75
N GLY A 417 -26.37 -3.17 12.43
CA GLY A 417 -27.75 -3.67 12.55
C GLY A 417 -28.57 -3.13 11.43
N GLY A 418 -29.51 -2.24 11.74
CA GLY A 418 -30.34 -1.65 10.71
C GLY A 418 -29.59 -0.93 9.61
N GLU A 419 -28.58 -0.16 10.03
CA GLU A 419 -27.84 0.64 9.05
C GLU A 419 -27.18 -0.24 7.99
N LEU A 420 -26.63 -1.33 8.44
CA LEU A 420 -26.09 -2.34 7.51
C LEU A 420 -27.17 -2.87 6.56
N GLU A 421 -28.37 -3.15 7.09
CA GLU A 421 -29.50 -3.52 6.22
C GLU A 421 -29.77 -2.46 5.16
N ASP A 422 -29.61 -1.19 5.52
CA ASP A 422 -29.86 -0.10 4.59
C ASP A 422 -28.82 -0.12 3.50
N VAL A 423 -27.59 -0.40 3.88
CA VAL A 423 -26.50 -0.48 2.92
C VAL A 423 -26.71 -1.68 2.00
N SER A 424 -27.15 -2.76 2.58
CA SER A 424 -27.38 -3.99 1.81
CA SER A 424 -27.40 -3.98 1.82
C SER A 424 -28.58 -3.87 0.84
N ALA A 425 -29.64 -3.22 1.29
CA ALA A 425 -30.83 -2.83 0.43
C ALA A 425 -30.43 -1.93 -0.70
N ALA A 426 -29.51 -1.01 -0.45
CA ALA A 426 -28.94 -0.22 -1.53
C ALA A 426 -28.23 -1.07 -2.59
N ALA A 427 -27.48 -2.06 -2.14
CA ALA A 427 -26.81 -2.98 -3.04
C ALA A 427 -27.85 -3.77 -3.86
N ARG A 428 -28.90 -4.25 -3.20
CA ARG A 428 -30.01 -5.01 -3.88
C ARG A 428 -30.63 -4.12 -4.96
N TRP A 429 -30.88 -2.88 -4.62
CA TRP A 429 -31.51 -1.91 -5.52
C TRP A 429 -30.64 -1.71 -6.74
N ALA A 430 -29.32 -1.59 -6.53
CA ALA A 430 -28.41 -1.34 -7.64
C ALA A 430 -28.46 -2.47 -8.63
N ARG A 431 -28.60 -3.69 -8.16
CA ARG A 431 -28.70 -4.84 -9.05
CA ARG A 431 -28.70 -4.85 -9.06
C ARG A 431 -30.10 -4.93 -9.65
N GLU A 432 -31.11 -4.86 -8.81
CA GLU A 432 -32.49 -5.01 -9.36
C GLU A 432 -32.94 -3.92 -10.29
N SER A 433 -32.54 -2.68 -9.99
CA SER A 433 -32.84 -1.56 -10.87
C SER A 433 -32.16 -1.63 -12.20
N GLY A 434 -31.18 -2.49 -12.32
CA GLY A 434 -30.46 -2.71 -13.58
C GLY A 434 -29.25 -1.81 -13.75
N LEU A 435 -28.83 -1.12 -12.70
CA LEU A 435 -27.63 -0.34 -12.78
C LEU A 435 -26.35 -1.22 -12.74
N ALA A 436 -26.34 -2.22 -11.87
CA ALA A 436 -25.12 -2.94 -11.49
C ALA A 436 -24.94 -4.30 -12.11
N SER A 437 -23.82 -4.49 -12.75
CA SER A 437 -23.48 -5.82 -13.28
C SER A 437 -22.70 -6.60 -12.27
N GLU A 438 -22.03 -5.87 -11.39
CA GLU A 438 -21.28 -6.46 -10.30
C GLU A 438 -21.16 -5.38 -9.20
N LEU A 439 -21.05 -5.84 -7.96
CA LEU A 439 -21.14 -4.93 -6.83
C LEU A 439 -19.94 -4.98 -5.91
N TYR A 440 -19.44 -3.80 -5.51
CA TYR A 440 -18.33 -3.67 -4.56
C TYR A 440 -18.79 -2.75 -3.46
N ILE A 441 -18.12 -2.86 -2.32
CA ILE A 441 -18.39 -1.95 -1.22
C ILE A 441 -17.10 -1.24 -0.84
N MET A 442 -17.20 0.06 -0.58
CA MET A 442 -16.04 0.87 -0.23
C MET A 442 -16.46 1.91 0.77
N GLY A 443 -15.63 2.15 1.78
CA GLY A 443 -15.85 3.26 2.68
C GLY A 443 -14.69 3.58 3.59
N TYR A 444 -14.76 4.77 4.19
CA TYR A 444 -13.72 5.19 5.09
CA TYR A 444 -13.74 5.24 5.12
C TYR A 444 -14.42 5.49 6.42
N SER A 445 -13.69 5.18 7.47
CA SER A 445 -14.08 5.49 8.77
C SER A 445 -15.32 4.65 9.12
N TYR A 446 -16.43 5.25 9.50
CA TYR A 446 -17.66 4.43 9.72
C TYR A 446 -18.04 3.68 8.45
N GLY A 447 -17.67 4.23 7.31
CA GLY A 447 -17.79 3.53 6.06
C GLY A 447 -16.93 2.30 5.92
N GLY A 448 -15.76 2.32 6.54
CA GLY A 448 -14.88 1.18 6.48
C GLY A 448 -15.34 0.10 7.43
N TYR A 449 -15.84 0.52 8.56
CA TYR A 449 -16.66 -0.32 9.47
C TYR A 449 -17.73 -1.08 8.70
N MET A 450 -18.49 -0.35 7.89
CA MET A 450 -19.55 -0.95 7.12
C MET A 450 -19.00 -1.96 6.15
N THR A 451 -17.86 -1.66 5.50
CA THR A 451 -17.27 -2.68 4.62
C THR A 451 -17.01 -3.98 5.40
N LEU A 452 -16.33 -3.84 6.54
CA LEU A 452 -15.97 -5.04 7.35
C LEU A 452 -17.23 -5.77 7.80
N CYS A 453 -18.24 -5.01 8.18
CA CYS A 453 -19.51 -5.57 8.63
C CYS A 453 -20.23 -6.29 7.48
N ALA A 454 -20.16 -5.76 6.28
CA ALA A 454 -20.80 -6.38 5.12
C ALA A 454 -20.09 -7.69 4.74
N LEU A 455 -18.77 -7.67 4.75
CA LEU A 455 -18.00 -8.88 4.40
C LEU A 455 -18.11 -9.96 5.46
N THR A 456 -18.31 -9.58 6.72
CA THR A 456 -18.45 -10.57 7.77
C THR A 456 -19.90 -11.03 7.96
N MET A 457 -20.86 -10.10 7.86
CA MET A 457 -22.27 -10.45 8.09
C MET A 457 -23.04 -10.80 6.83
N LYS A 458 -22.62 -10.28 5.67
CA LYS A 458 -23.27 -10.54 4.37
C LYS A 458 -22.32 -11.11 3.34
N PRO A 459 -21.68 -12.24 3.67
CA PRO A 459 -20.75 -12.78 2.70
C PRO A 459 -21.44 -13.13 1.42
N GLY A 460 -20.86 -12.82 0.28
CA GLY A 460 -21.55 -13.12 -1.03
C GLY A 460 -22.31 -11.92 -1.61
N LEU A 461 -22.70 -10.95 -0.80
CA LEU A 461 -23.45 -9.82 -1.36
C LEU A 461 -22.57 -9.01 -2.25
N PHE A 462 -21.34 -8.76 -1.80
CA PHE A 462 -20.36 -7.97 -2.60
C PHE A 462 -19.27 -8.86 -3.18
N LYS A 463 -18.73 -8.42 -4.32
CA LYS A 463 -17.62 -9.09 -4.99
C LYS A 463 -16.30 -8.92 -4.19
N ALA A 464 -16.14 -7.76 -3.58
CA ALA A 464 -14.94 -7.38 -2.83
C ALA A 464 -15.20 -6.12 -2.08
N GLY A 465 -14.34 -5.82 -1.08
CA GLY A 465 -14.51 -4.57 -0.30
C GLY A 465 -13.24 -3.81 -0.04
N VAL A 466 -13.38 -2.47 0.10
CA VAL A 466 -12.33 -1.58 0.49
C VAL A 466 -12.74 -1.01 1.84
N ALA A 467 -11.95 -1.27 2.87
CA ALA A 467 -12.15 -0.72 4.18
C ALA A 467 -10.98 0.23 4.55
N GLY A 468 -11.29 1.51 4.62
CA GLY A 468 -10.37 2.59 4.95
C GLY A 468 -10.66 3.10 6.38
N ALA A 469 -9.60 3.33 7.13
CA ALA A 469 -9.66 3.90 8.50
C ALA A 469 -10.87 3.31 9.23
N SER A 470 -10.97 2.00 9.17
CA SER A 470 -12.10 1.25 9.72
C SER A 470 -12.13 1.22 11.25
N VAL A 471 -13.34 1.22 11.78
CA VAL A 471 -13.67 0.66 13.06
C VAL A 471 -13.57 -0.87 12.98
N VAL A 472 -12.78 -1.45 13.88
CA VAL A 472 -12.50 -2.89 13.86
C VAL A 472 -12.99 -3.59 15.12
N ASP A 473 -12.83 -2.92 16.28
CA ASP A 473 -13.20 -3.50 17.55
C ASP A 473 -13.58 -2.39 18.48
N TRP A 474 -14.87 -2.29 18.80
CA TRP A 474 -15.34 -1.20 19.65
C TRP A 474 -14.65 -1.26 21.03
N GLU A 475 -14.42 -2.46 21.56
CA GLU A 475 -13.84 -2.62 22.92
C GLU A 475 -12.42 -2.09 22.96
N GLU A 476 -11.57 -2.57 22.10
CA GLU A 476 -10.19 -2.10 22.09
C GLU A 476 -10.06 -0.63 21.71
N MET A 477 -10.89 -0.15 20.78
CA MET A 477 -10.78 1.25 20.38
C MET A 477 -11.20 2.13 21.56
N TYR A 478 -12.17 1.70 22.31
CA TYR A 478 -12.67 2.43 23.48
C TYR A 478 -11.52 2.69 24.47
N GLU A 479 -10.79 1.64 24.74
CA GLU A 479 -9.64 1.69 25.67
C GLU A 479 -8.50 2.58 25.14
N LEU A 480 -8.47 2.82 23.85
CA LEU A 480 -7.41 3.65 23.26
C LEU A 480 -7.88 5.08 22.97
N SER A 481 -9.11 5.42 23.33
CA SER A 481 -9.69 6.71 22.89
C SER A 481 -9.54 7.80 23.95
N ASP A 482 -9.49 9.05 23.52
CA ASP A 482 -9.61 10.18 24.43
C ASP A 482 -11.00 10.37 25.06
N ALA A 483 -11.18 11.32 25.97
CA ALA A 483 -12.48 11.47 26.66
C ALA A 483 -13.64 11.68 25.69
N ALA A 484 -13.41 12.42 24.65
CA ALA A 484 -14.51 12.70 23.72
C ALA A 484 -14.93 11.44 22.95
N PHE A 485 -13.97 10.73 22.43
CA PHE A 485 -14.28 9.51 21.71
C PHE A 485 -14.83 8.40 22.56
N ARG A 486 -14.35 8.24 23.80
CA ARG A 486 -14.91 7.25 24.66
C ARG A 486 -16.39 7.51 24.80
N ASN A 487 -16.72 8.78 25.05
CA ASN A 487 -18.10 9.12 25.33
C ASN A 487 -18.96 8.89 24.08
N PHE A 488 -18.41 9.24 22.92
CA PHE A 488 -19.14 9.03 21.67
C PHE A 488 -19.38 7.54 21.43
N ILE A 489 -18.36 6.75 21.77
CA ILE A 489 -18.50 5.33 21.61
C ILE A 489 -19.58 4.82 22.54
N GLU A 490 -19.70 5.33 23.75
CA GLU A 490 -20.71 4.82 24.67
C GLU A 490 -22.10 5.18 24.14
N GLN A 491 -22.21 6.41 23.66
CA GLN A 491 -23.44 6.86 23.08
C GLN A 491 -23.85 5.99 21.91
N LEU A 492 -22.96 5.75 20.96
CA LEU A 492 -23.29 4.88 19.82
C LEU A 492 -23.67 3.46 20.14
N THR A 493 -22.92 2.85 21.02
CA THR A 493 -23.13 1.49 21.35
C THR A 493 -24.23 1.35 22.41
N GLY A 494 -24.79 2.47 22.89
CA GLY A 494 -25.81 2.43 23.95
C GLY A 494 -25.26 1.98 25.31
N GLY A 495 -23.97 2.15 25.51
CA GLY A 495 -23.27 1.77 26.72
C GLY A 495 -23.20 0.29 27.04
N SER A 496 -23.29 -0.55 26.01
CA SER A 496 -23.44 -1.97 26.24
C SER A 496 -22.21 -2.73 25.81
N ARG A 497 -21.58 -3.40 26.77
CA ARG A 497 -20.40 -4.27 26.50
C ARG A 497 -20.74 -5.39 25.50
N GLU A 498 -21.97 -5.90 25.56
CA GLU A 498 -22.36 -6.94 24.58
C GLU A 498 -22.41 -6.39 23.16
N ILE A 499 -22.96 -5.18 22.96
CA ILE A 499 -23.00 -4.53 21.63
C ILE A 499 -21.56 -4.28 21.19
N MET A 500 -20.72 -3.79 22.10
CA MET A 500 -19.34 -3.45 21.76
C MET A 500 -18.64 -4.67 21.19
N ARG A 501 -18.91 -5.83 21.76
CA ARG A 501 -18.27 -7.06 21.24
C ARG A 501 -18.98 -7.65 20.03
N SER A 502 -20.28 -7.85 20.11
CA SER A 502 -20.99 -8.59 19.03
C SER A 502 -21.02 -7.77 17.75
N ARG A 503 -20.96 -6.45 17.85
CA ARG A 503 -20.96 -5.63 16.62
C ARG A 503 -19.52 -5.29 16.17
N SER A 504 -18.52 -6.02 16.66
CA SER A 504 -17.14 -5.79 16.22
C SER A 504 -16.82 -6.84 15.18
N PRO A 505 -16.54 -6.41 13.95
CA PRO A 505 -16.24 -7.43 12.95
C PRO A 505 -14.96 -8.27 13.14
N ILE A 506 -14.02 -7.84 13.97
CA ILE A 506 -12.86 -8.67 14.29
C ILE A 506 -13.29 -9.99 14.93
N ASN A 507 -14.51 -10.03 15.49
CA ASN A 507 -15.03 -11.24 16.08
C ASN A 507 -15.68 -12.24 15.14
N HIS A 508 -15.71 -11.94 13.84
CA HIS A 508 -16.48 -12.68 12.87
C HIS A 508 -15.65 -12.92 11.63
N VAL A 509 -14.31 -12.96 11.80
CA VAL A 509 -13.39 -13.03 10.65
C VAL A 509 -13.60 -14.31 9.85
N ASP A 510 -13.89 -15.41 10.55
CA ASP A 510 -14.06 -16.69 9.84
CA ASP A 510 -14.07 -16.69 9.87
C ASP A 510 -15.13 -16.65 8.75
N ARG A 511 -16.09 -15.71 8.85
CA ARG A 511 -17.17 -15.63 7.86
C ARG A 511 -16.75 -14.99 6.54
N ILE A 512 -15.63 -14.28 6.54
CA ILE A 512 -15.22 -13.55 5.36
C ILE A 512 -14.85 -14.48 4.20
N LYS A 513 -15.38 -14.17 3.03
CA LYS A 513 -15.15 -14.98 1.86
C LYS A 513 -14.69 -14.18 0.67
N GLU A 514 -14.88 -12.86 0.71
CA GLU A 514 -14.49 -12.03 -0.40
C GLU A 514 -13.11 -11.34 -0.13
N PRO A 515 -12.43 -11.03 -1.19
CA PRO A 515 -11.21 -10.20 -1.16
C PRO A 515 -11.44 -8.82 -0.54
N LEU A 516 -10.49 -8.44 0.32
CA LEU A 516 -10.57 -7.27 1.16
C LEU A 516 -9.30 -6.44 1.03
N ALA A 517 -9.43 -5.12 0.88
CA ALA A 517 -8.34 -4.24 0.90
C ALA A 517 -8.49 -3.32 2.05
N LEU A 518 -7.51 -3.37 2.95
CA LEU A 518 -7.44 -2.46 4.12
C LEU A 518 -6.56 -1.28 3.85
N ILE A 519 -7.01 -0.07 4.20
CA ILE A 519 -6.22 1.12 4.03
C ILE A 519 -6.31 1.86 5.35
N HIS A 520 -5.19 2.36 5.85
CA HIS A 520 -5.20 2.93 7.18
C HIS A 520 -4.03 3.88 7.40
N PRO A 521 -4.33 5.08 7.92
CA PRO A 521 -3.27 5.99 8.37
C PRO A 521 -2.69 5.56 9.69
N GLN A 522 -1.38 5.46 9.80
CA GLN A 522 -0.74 4.86 11.01
C GLN A 522 -1.08 5.59 12.28
N ASN A 523 -1.29 6.92 12.20
CA ASN A 523 -1.45 7.69 13.45
C ASN A 523 -2.86 8.10 13.72
N ASP A 524 -3.84 7.42 13.10
CA ASP A 524 -5.24 7.75 13.32
C ASP A 524 -5.53 7.57 14.84
N SER A 525 -6.04 8.60 15.52
CA SER A 525 -6.42 8.51 16.93
C SER A 525 -7.90 8.33 17.14
N ARG A 526 -8.65 8.26 16.04
CA ARG A 526 -10.10 8.08 16.16
C ARG A 526 -10.41 6.63 15.92
N THR A 527 -9.93 6.11 14.80
CA THR A 527 -10.02 4.71 14.44
C THR A 527 -8.58 4.24 14.40
N PRO A 528 -8.03 3.80 15.55
CA PRO A 528 -6.63 3.51 15.66
C PRO A 528 -6.19 2.30 14.86
N LEU A 529 -4.94 2.35 14.42
CA LEU A 529 -4.32 1.26 13.67
C LEU A 529 -4.21 -0.03 14.49
N LYS A 530 -3.99 0.07 15.78
CA LYS A 530 -3.68 -1.11 16.56
C LYS A 530 -4.61 -2.32 16.40
N PRO A 531 -5.94 -2.13 16.55
CA PRO A 531 -6.88 -3.23 16.25
C PRO A 531 -6.85 -3.73 14.81
N LEU A 532 -6.49 -2.87 13.84
CA LEU A 532 -6.33 -3.32 12.48
C LEU A 532 -5.21 -4.30 12.31
N LEU A 533 -4.10 -4.11 13.06
CA LEU A 533 -3.04 -5.06 13.01
C LEU A 533 -3.53 -6.44 13.50
N ARG A 534 -4.35 -6.45 14.55
CA ARG A 534 -4.89 -7.70 15.04
C ARG A 534 -5.81 -8.33 14.01
N LEU A 535 -6.58 -7.52 13.33
CA LEU A 535 -7.46 -8.03 12.26
C LEU A 535 -6.60 -8.74 11.18
N MET A 536 -5.50 -8.13 10.78
CA MET A 536 -4.57 -8.72 9.81
C MET A 536 -4.00 -10.01 10.26
N GLY A 537 -3.69 -10.10 11.56
CA GLY A 537 -3.30 -11.36 12.14
C GLY A 537 -4.36 -12.42 12.02
N GLU A 538 -5.61 -12.02 12.26
CA GLU A 538 -6.69 -12.97 12.18
C GLU A 538 -6.90 -13.44 10.76
N LEU A 539 -6.83 -12.51 9.80
CA LEU A 539 -7.08 -12.83 8.38
C LEU A 539 -6.00 -13.79 7.88
N LEU A 540 -4.79 -13.51 8.31
CA LEU A 540 -3.65 -14.39 8.00
C LEU A 540 -3.79 -15.79 8.62
N ALA A 541 -4.04 -15.84 9.93
CA ALA A 541 -4.20 -17.11 10.58
C ALA A 541 -5.30 -17.97 9.97
N ARG A 542 -6.33 -17.36 9.45
CA ARG A 542 -7.49 -18.07 8.94
C ARG A 542 -7.40 -18.23 7.44
N GLY A 543 -6.27 -17.87 6.84
CA GLY A 543 -6.11 -18.16 5.41
C GLY A 543 -6.91 -17.25 4.50
N LYS A 544 -7.33 -16.08 4.93
CA LYS A 544 -8.13 -15.22 4.08
C LYS A 544 -7.27 -14.39 3.15
N THR A 545 -7.80 -14.10 1.97
CA THR A 545 -7.19 -13.17 1.02
C THR A 545 -7.38 -11.77 1.47
N PHE A 546 -6.31 -10.97 1.55
CA PHE A 546 -6.43 -9.58 1.92
C PHE A 546 -5.20 -8.82 1.42
N GLU A 547 -5.39 -7.53 1.27
CA GLU A 547 -4.32 -6.64 1.05
C GLU A 547 -4.45 -5.46 2.00
N ALA A 548 -3.35 -4.77 2.23
CA ALA A 548 -3.31 -3.70 3.20
C ALA A 548 -2.36 -2.64 2.75
N HIS A 549 -2.69 -1.39 3.08
CA HIS A 549 -1.80 -0.25 2.82
C HIS A 549 -1.89 0.65 4.00
N ILE A 550 -0.74 0.87 4.65
CA ILE A 550 -0.69 1.69 5.84
C ILE A 550 0.10 2.92 5.49
N ILE A 551 -0.48 4.11 5.77
CA ILE A 551 0.06 5.39 5.31
C ILE A 551 0.85 6.04 6.47
N PRO A 552 2.06 6.52 6.15
CA PRO A 552 2.95 7.03 7.16
C PRO A 552 2.60 8.47 7.60
N ASP A 553 2.81 8.76 8.88
CA ASP A 553 2.70 10.13 9.45
C ASP A 553 1.39 10.76 9.07
N ALA A 554 0.29 10.01 9.13
CA ALA A 554 -0.98 10.57 8.82
C ALA A 554 -2.02 10.00 9.79
N GLY A 555 -3.14 10.68 9.88
CA GLY A 555 -4.18 10.27 10.74
C GLY A 555 -5.54 10.37 10.04
N HIS A 556 -6.60 10.52 10.84
CA HIS A 556 -7.95 10.49 10.35
C HIS A 556 -8.29 11.68 9.48
N ALA A 557 -7.59 12.78 9.68
CA ALA A 557 -7.86 14.01 8.99
C ALA A 557 -6.79 14.33 7.99
N ILE A 558 -7.09 14.10 6.70
CA ILE A 558 -6.07 14.18 5.65
C ILE A 558 -5.95 15.62 5.17
N ASN A 559 -4.74 16.20 5.17
CA ASN A 559 -4.59 17.61 4.84
C ASN A 559 -3.50 17.91 3.79
N THR A 560 -3.01 16.88 3.10
CA THR A 560 -2.09 17.06 1.99
C THR A 560 -2.56 16.21 0.81
N MET A 561 -2.30 16.69 -0.39
CA MET A 561 -2.57 15.90 -1.60
C MET A 561 -1.82 14.59 -1.57
N GLU A 562 -0.60 14.64 -1.15
CA GLU A 562 0.20 13.42 -1.12
C GLU A 562 -0.47 12.37 -0.20
N ASP A 563 -1.05 12.77 0.94
CA ASP A 563 -1.70 11.82 1.85
C ASP A 563 -3.03 11.33 1.26
N ALA A 564 -3.75 12.21 0.59
CA ALA A 564 -4.98 11.82 -0.06
C ALA A 564 -4.75 10.79 -1.17
N VAL A 565 -3.70 10.99 -1.97
CA VAL A 565 -3.35 10.04 -3.02
C VAL A 565 -3.01 8.66 -2.42
N LYS A 566 -2.29 8.68 -1.31
CA LYS A 566 -1.91 7.45 -0.64
C LYS A 566 -3.13 6.73 -0.05
N ILE A 567 -4.17 7.45 0.39
CA ILE A 567 -5.31 6.75 0.95
C ILE A 567 -6.31 6.37 -0.11
N LEU A 568 -6.33 7.09 -1.23
CA LEU A 568 -7.36 6.83 -2.27
C LEU A 568 -6.89 5.92 -3.36
N LEU A 569 -5.67 6.15 -3.84
CA LEU A 569 -5.20 5.37 -4.99
C LEU A 569 -5.21 3.86 -4.83
N PRO A 570 -4.72 3.33 -3.67
CA PRO A 570 -4.81 1.89 -3.53
C PRO A 570 -6.24 1.30 -3.67
N ALA A 571 -7.28 2.04 -3.30
CA ALA A 571 -8.62 1.54 -3.35
C ALA A 571 -9.06 1.43 -4.81
N VAL A 572 -8.72 2.45 -5.61
CA VAL A 572 -9.09 2.47 -7.02
C VAL A 572 -8.36 1.35 -7.80
N PHE A 573 -7.07 1.15 -7.49
CA PHE A 573 -6.28 0.07 -8.04
C PHE A 573 -6.85 -1.27 -7.75
N PHE A 574 -7.19 -1.49 -6.47
CA PHE A 574 -7.78 -2.74 -6.04
C PHE A 574 -9.10 -3.04 -6.76
N LEU A 575 -10.01 -2.05 -6.83
CA LEU A 575 -11.30 -2.28 -7.52
C LEU A 575 -11.09 -2.49 -9.02
N ALA A 576 -10.20 -1.69 -9.63
CA ALA A 576 -9.87 -1.91 -11.05
C ALA A 576 -9.34 -3.32 -11.32
N THR A 577 -8.54 -3.83 -10.39
CA THR A 577 -8.01 -5.16 -10.54
C THR A 577 -9.12 -6.21 -10.38
N GLN A 578 -9.98 -6.00 -9.39
CA GLN A 578 -11.09 -6.90 -9.17
C GLN A 578 -11.98 -6.98 -10.38
N ARG A 579 -12.15 -5.87 -11.06
CA ARG A 579 -13.03 -5.80 -12.19
C ARG A 579 -12.52 -6.63 -13.37
N GLU A 580 -11.21 -6.88 -13.43
CA GLU A 580 -10.59 -7.63 -14.52
C GLU A 580 -10.69 -9.13 -14.30
N ARG A 581 -11.06 -9.56 -13.10
CA ARG A 581 -11.18 -10.99 -12.89
C ARG A 581 -12.20 -11.61 -13.86
N GLU B 8 4.65 13.62 -10.76
CA GLU B 8 4.85 12.90 -12.06
C GLU B 8 4.66 11.40 -11.87
N PHE B 9 3.92 11.01 -10.84
CA PHE B 9 3.74 9.60 -10.50
C PHE B 9 3.01 8.77 -11.58
N SER B 10 2.38 9.40 -12.57
CA SER B 10 1.65 8.64 -13.59
C SER B 10 2.62 8.20 -14.70
N ARG B 11 3.65 9.01 -14.98
CA ARG B 11 4.72 8.65 -15.92
C ARG B 11 5.55 7.52 -15.31
N ILE B 12 5.63 7.47 -13.99
CA ILE B 12 6.32 6.43 -13.25
C ILE B 12 5.58 5.13 -13.39
N VAL B 13 4.27 5.17 -13.17
CA VAL B 13 3.45 3.98 -13.29
C VAL B 13 3.58 3.41 -14.69
N ARG B 14 3.56 4.30 -15.68
CA ARG B 14 3.69 3.84 -17.07
C ARG B 14 5.06 3.16 -17.28
N ASP B 15 6.13 3.69 -16.68
CA ASP B 15 7.48 3.13 -16.90
C ASP B 15 7.75 1.80 -16.22
N VAL B 16 7.44 1.78 -14.95
CA VAL B 16 7.47 0.58 -14.18
C VAL B 16 6.64 -0.52 -14.83
N GLU B 17 5.40 -0.23 -15.19
CA GLU B 17 4.59 -1.20 -15.91
C GLU B 17 5.27 -1.70 -17.17
N ARG B 18 5.84 -0.78 -17.96
CA ARG B 18 6.44 -1.19 -19.23
C ARG B 18 7.70 -2.02 -19.02
N LEU B 19 8.47 -1.69 -17.99
CA LEU B 19 9.65 -2.41 -17.66
C LEU B 19 9.30 -3.81 -17.20
N ILE B 20 8.25 -3.94 -16.39
CA ILE B 20 7.79 -5.24 -15.95
C ILE B 20 7.26 -6.04 -17.16
N ALA B 21 6.56 -5.36 -18.05
CA ALA B 21 5.86 -5.98 -19.18
C ALA B 21 6.79 -6.50 -20.32
N VAL B 22 8.01 -5.99 -20.44
CA VAL B 22 8.88 -6.43 -21.53
C VAL B 22 9.11 -7.94 -21.39
N GLU B 23 9.05 -8.65 -22.51
CA GLU B 23 9.24 -10.08 -22.50
C GLU B 23 10.64 -10.52 -22.18
N LYS B 24 10.71 -11.62 -21.46
CA LYS B 24 11.94 -12.13 -20.95
C LYS B 24 11.89 -13.64 -21.19
N TYR B 25 13.00 -14.20 -21.65
CA TYR B 25 13.06 -15.58 -22.04
C TYR B 25 14.22 -16.29 -21.40
N SER B 26 13.96 -17.55 -21.14
CA SER B 26 14.88 -18.43 -20.48
C SER B 26 14.90 -19.70 -21.30
N LEU B 27 16.09 -20.15 -21.68
CA LEU B 27 16.27 -21.38 -22.47
C LEU B 27 16.37 -22.62 -21.54
N GLN B 28 15.51 -23.61 -21.75
CA GLN B 28 15.41 -24.80 -20.89
C GLN B 28 15.94 -26.08 -21.51
N GLY B 29 15.79 -26.23 -22.82
CA GLY B 29 16.28 -27.42 -23.48
C GLY B 29 15.75 -27.54 -24.88
N VAL B 30 15.87 -28.76 -25.42
CA VAL B 30 15.43 -29.09 -26.75
C VAL B 30 14.52 -30.31 -26.64
N VAL B 31 13.27 -30.17 -27.11
CA VAL B 31 12.30 -31.24 -27.03
C VAL B 31 11.64 -31.54 -28.38
N ASP B 32 10.80 -32.58 -28.36
CA ASP B 32 10.01 -33.10 -29.49
C ASP B 32 10.89 -33.20 -30.72
N GLY B 33 10.45 -32.59 -31.81
CA GLY B 33 11.22 -32.62 -33.04
C GLY B 33 12.13 -31.41 -33.16
N ASP B 34 13.27 -31.43 -32.47
CA ASP B 34 14.24 -30.34 -32.58
C ASP B 34 13.53 -28.98 -32.39
N LYS B 35 12.71 -28.86 -31.35
CA LYS B 35 12.11 -27.59 -30.99
C LYS B 35 12.70 -27.07 -29.67
N LEU B 36 12.98 -25.77 -29.61
CA LEU B 36 13.46 -25.20 -28.37
C LEU B 36 12.35 -25.15 -27.35
N LEU B 37 12.68 -25.48 -26.10
CA LEU B 37 11.78 -25.24 -24.99
C LEU B 37 12.20 -23.99 -24.21
N VAL B 38 11.36 -22.98 -24.13
CA VAL B 38 11.74 -21.79 -23.42
C VAL B 38 10.66 -21.43 -22.41
N VAL B 39 11.07 -20.90 -21.28
CA VAL B 39 10.11 -20.31 -20.36
C VAL B 39 10.17 -18.83 -20.67
N GLY B 40 9.00 -18.23 -20.88
CA GLY B 40 8.90 -16.84 -21.19
C GLY B 40 7.92 -16.10 -20.30
N PHE B 41 8.33 -14.93 -19.82
CA PHE B 41 7.43 -13.96 -19.27
C PHE B 41 6.87 -13.19 -20.46
N SER B 42 5.61 -13.43 -20.75
CA SER B 42 4.96 -12.79 -21.90
C SER B 42 3.46 -12.75 -21.63
N GLU B 43 2.79 -11.78 -22.22
CA GLU B 43 1.36 -11.63 -22.06
C GLU B 43 1.04 -11.59 -20.56
N GLY B 44 1.87 -10.88 -19.79
CA GLY B 44 1.57 -10.66 -18.38
C GLY B 44 1.88 -11.77 -17.38
N SER B 45 2.45 -12.86 -17.82
CA SER B 45 2.77 -13.95 -16.88
C SER B 45 3.85 -14.91 -17.36
N VAL B 46 4.27 -15.82 -16.48
CA VAL B 46 5.29 -16.82 -16.83
C VAL B 46 4.62 -18.03 -17.47
N ASN B 47 5.02 -18.35 -18.69
CA ASN B 47 4.49 -19.43 -19.52
C ASN B 47 5.62 -20.22 -20.17
N ALA B 48 5.27 -21.36 -20.74
CA ALA B 48 6.23 -22.24 -21.38
C ALA B 48 5.88 -22.35 -22.86
N TYR B 49 6.92 -22.27 -23.71
CA TYR B 49 6.77 -22.28 -25.16
C TYR B 49 7.70 -23.26 -25.88
N LEU B 50 7.22 -23.72 -27.03
CA LEU B 50 8.04 -24.34 -28.05
C LEU B 50 8.40 -23.30 -29.10
N TYR B 51 9.65 -23.29 -29.54
CA TYR B 51 10.09 -22.42 -30.62
C TYR B 51 10.74 -23.26 -31.70
N ASP B 52 10.47 -22.89 -32.93
CA ASP B 52 10.89 -23.66 -34.06
C ASP B 52 11.38 -22.79 -35.21
N GLY B 53 10.58 -21.85 -35.69
CA GLY B 53 11.03 -20.98 -36.78
C GLY B 53 10.76 -19.56 -36.42
N GLY B 54 9.51 -19.17 -36.54
CA GLY B 54 9.09 -17.88 -36.02
C GLY B 54 7.95 -17.96 -35.00
N GLU B 55 7.10 -18.97 -35.14
CA GLU B 55 5.93 -19.12 -34.28
C GLU B 55 6.38 -19.77 -32.98
N THR B 56 6.21 -19.07 -31.85
CA THR B 56 6.14 -19.76 -30.57
C THR B 56 4.77 -20.38 -30.36
N VAL B 57 4.78 -21.51 -29.67
CA VAL B 57 3.57 -22.20 -29.33
C VAL B 57 3.48 -22.37 -27.82
N LYS B 58 2.40 -21.89 -27.25
CA LYS B 58 2.24 -21.91 -25.81
C LYS B 58 1.84 -23.31 -25.34
N LEU B 59 2.57 -23.86 -24.39
CA LEU B 59 2.31 -25.23 -23.92
C LEU B 59 1.30 -25.30 -22.78
N ASN B 60 1.35 -24.30 -21.90
CA ASN B 60 0.55 -24.30 -20.68
C ASN B 60 -0.69 -23.47 -20.87
N ARG B 61 -1.65 -23.58 -19.95
CA ARG B 61 -2.80 -22.68 -19.95
C ARG B 61 -2.54 -21.59 -18.92
N GLU B 62 -2.78 -21.89 -17.66
CA GLU B 62 -2.60 -20.92 -16.61
C GLU B 62 -1.11 -20.70 -16.38
N PRO B 63 -0.76 -19.51 -15.90
CA PRO B 63 0.65 -19.27 -15.59
C PRO B 63 1.33 -20.37 -14.73
N ILE B 64 2.62 -20.53 -14.96
CA ILE B 64 3.44 -21.51 -14.23
C ILE B 64 4.62 -20.80 -13.51
N ASN B 65 5.45 -21.59 -12.85
CA ASN B 65 6.68 -21.06 -12.32
C ASN B 65 7.89 -21.49 -13.12
N SER B 66 7.91 -22.72 -13.60
CA SER B 66 9.04 -23.27 -14.31
CA SER B 66 9.04 -23.23 -14.35
C SER B 66 8.65 -24.56 -14.99
N VAL B 67 9.64 -25.20 -15.59
CA VAL B 67 9.49 -26.52 -16.21
C VAL B 67 10.63 -27.36 -15.72
N LEU B 68 10.47 -28.67 -15.73
CA LEU B 68 11.58 -29.55 -15.44
C LEU B 68 12.50 -29.67 -16.64
N ASP B 69 13.76 -30.02 -16.38
CA ASP B 69 14.78 -30.07 -17.41
C ASP B 69 14.53 -31.29 -18.25
N PRO B 70 14.28 -31.09 -19.54
CA PRO B 70 13.99 -32.25 -20.35
C PRO B 70 15.25 -32.85 -20.94
N HIS B 71 15.30 -34.18 -21.07
CA HIS B 71 16.32 -34.80 -21.91
C HIS B 71 16.09 -34.37 -23.33
N TYR B 72 17.17 -34.35 -24.10
CA TYR B 72 17.08 -33.97 -25.51
C TYR B 72 16.04 -34.75 -26.27
N GLY B 73 15.19 -34.05 -27.01
CA GLY B 73 14.18 -34.65 -27.85
C GLY B 73 13.00 -35.33 -27.20
N VAL B 74 12.83 -35.26 -25.86
CA VAL B 74 11.67 -35.93 -25.23
C VAL B 74 10.35 -35.26 -25.70
N GLY B 75 9.27 -36.07 -25.80
CA GLY B 75 7.99 -35.62 -26.40
C GLY B 75 6.95 -35.04 -25.44
N ARG B 76 7.40 -34.54 -24.29
CA ARG B 76 6.55 -33.94 -23.31
C ARG B 76 7.31 -32.94 -22.44
N VAL B 77 6.57 -32.12 -21.71
CA VAL B 77 7.12 -31.10 -20.85
C VAL B 77 6.40 -31.21 -19.53
N ILE B 78 7.15 -31.11 -18.44
CA ILE B 78 6.55 -31.11 -17.11
C ILE B 78 6.58 -29.71 -16.54
N LEU B 79 5.39 -29.11 -16.47
CA LEU B 79 5.24 -27.82 -15.86
C LEU B 79 5.27 -27.94 -14.35
N VAL B 80 5.83 -26.92 -13.72
CA VAL B 80 5.78 -26.72 -12.32
C VAL B 80 4.94 -25.49 -12.03
N ARG B 81 3.87 -25.68 -11.25
CA ARG B 81 2.93 -24.61 -10.95
C ARG B 81 2.54 -24.55 -9.50
N ASP B 82 2.63 -23.38 -8.89
CA ASP B 82 2.20 -23.17 -7.52
C ASP B 82 0.66 -23.33 -7.51
N VAL B 83 0.15 -24.25 -6.74
CA VAL B 83 -1.33 -24.41 -6.62
C VAL B 83 -1.78 -23.95 -5.24
N SER B 84 -1.06 -23.00 -4.62
CA SER B 84 -1.35 -22.53 -3.25
C SER B 84 -1.36 -21.01 -3.14
N LYS B 85 -1.64 -20.32 -4.24
CA LYS B 85 -1.80 -18.83 -4.24
C LYS B 85 -0.53 -18.12 -3.72
N GLY B 86 0.61 -18.68 -4.10
CA GLY B 86 1.95 -18.14 -3.68
C GLY B 86 2.76 -18.79 -2.59
N ALA B 87 2.18 -19.72 -1.88
CA ALA B 87 2.85 -20.37 -0.82
C ALA B 87 3.86 -21.38 -1.31
N GLU B 88 3.93 -21.61 -2.62
CA GLU B 88 4.94 -22.50 -3.24
C GLU B 88 4.81 -23.98 -2.81
N GLN B 89 3.56 -24.38 -2.62
CA GLN B 89 3.22 -25.78 -2.73
C GLN B 89 2.86 -25.99 -4.18
N HIS B 90 3.75 -26.60 -4.92
CA HIS B 90 3.60 -26.76 -6.32
C HIS B 90 3.07 -28.17 -6.70
N ALA B 91 2.45 -28.23 -7.89
CA ALA B 91 2.11 -29.52 -8.56
C ALA B 91 2.71 -29.56 -9.97
N LEU B 92 2.83 -30.77 -10.47
CA LEU B 92 3.45 -31.04 -11.74
C LEU B 92 2.37 -31.44 -12.76
N PHE B 93 2.49 -30.88 -13.96
CA PHE B 93 1.48 -31.04 -15.03
C PHE B 93 2.25 -31.41 -16.31
N LYS B 94 1.95 -32.59 -16.87
CA LYS B 94 2.52 -33.09 -18.11
C LYS B 94 1.79 -32.43 -19.26
N VAL B 95 2.54 -31.94 -20.24
CA VAL B 95 2.01 -31.51 -21.52
C VAL B 95 2.75 -32.29 -22.59
N ASN B 96 1.98 -33.05 -23.38
CA ASN B 96 2.53 -33.73 -24.56
C ASN B 96 2.83 -32.65 -25.61
N THR B 97 4.06 -32.65 -26.13
CA THR B 97 4.48 -31.58 -27.07
C THR B 97 3.63 -31.54 -28.34
N SER B 98 2.98 -32.64 -28.69
CA SER B 98 2.09 -32.70 -29.84
C SER B 98 0.66 -32.22 -29.55
N ARG B 99 0.32 -32.00 -28.29
CA ARG B 99 -1.01 -31.48 -27.90
C ARG B 99 -0.84 -30.33 -26.90
N PRO B 100 -0.26 -29.21 -27.36
CA PRO B 100 -0.01 -28.08 -26.49
C PRO B 100 -1.32 -27.61 -25.88
N GLY B 101 -1.27 -27.13 -24.63
CA GLY B 101 -2.46 -26.59 -23.97
C GLY B 101 -3.33 -27.61 -23.23
N GLU B 102 -3.06 -28.91 -23.43
CA GLU B 102 -3.71 -29.98 -22.66
C GLU B 102 -2.81 -30.48 -21.53
N GLU B 103 -3.24 -30.26 -20.30
CA GLU B 103 -2.44 -30.48 -19.13
C GLU B 103 -2.99 -31.65 -18.37
N GLN B 104 -2.12 -32.52 -17.94
CA GLN B 104 -2.51 -33.64 -17.13
C GLN B 104 -1.70 -33.58 -15.84
N ARG B 105 -2.38 -33.31 -14.75
CA ARG B 105 -1.75 -33.17 -13.45
C ARG B 105 -1.22 -34.47 -13.03
N LEU B 106 -0.02 -34.51 -12.43
CA LEU B 106 0.55 -35.76 -11.98
C LEU B 106 0.16 -35.98 -10.52
N GLU B 107 -0.96 -36.68 -10.36
CA GLU B 107 -1.64 -36.75 -9.08
C GLU B 107 -0.94 -37.62 -8.09
N ALA B 108 -0.03 -38.49 -8.55
CA ALA B 108 0.76 -39.28 -7.60
C ALA B 108 1.63 -38.40 -6.74
N VAL B 109 1.86 -37.16 -7.15
CA VAL B 109 2.72 -36.25 -6.39
C VAL B 109 1.89 -35.23 -5.66
N LYS B 110 1.78 -35.38 -4.33
CA LYS B 110 1.10 -34.41 -3.53
C LYS B 110 1.84 -33.06 -3.58
N PRO B 111 1.08 -31.96 -3.43
CA PRO B 111 1.75 -30.68 -3.46
C PRO B 111 2.91 -30.60 -2.46
N MET B 112 3.99 -29.98 -2.93
CA MET B 112 5.17 -29.74 -2.10
C MET B 112 6.02 -28.66 -2.75
N ARG B 113 7.05 -28.18 -2.06
CA ARG B 113 7.90 -27.19 -2.66
C ARG B 113 8.81 -27.96 -3.62
N ILE B 114 8.61 -27.77 -4.90
CA ILE B 114 9.43 -28.48 -5.88
C ILE B 114 10.68 -27.60 -6.05
N LEU B 115 11.85 -28.18 -5.81
CA LEU B 115 13.15 -27.47 -5.87
C LEU B 115 13.85 -27.57 -7.21
N SER B 116 13.65 -28.66 -7.94
CA SER B 116 14.38 -28.93 -9.16
C SER B 116 13.83 -30.23 -9.75
N GLY B 117 14.14 -30.51 -10.99
CA GLY B 117 13.95 -31.84 -11.53
C GLY B 117 14.32 -31.96 -12.99
N VAL B 118 14.39 -33.21 -13.40
CA VAL B 118 14.71 -33.61 -14.74
C VAL B 118 13.65 -34.62 -15.23
N ASP B 119 13.32 -34.54 -16.52
CA ASP B 119 12.47 -35.53 -17.15
C ASP B 119 13.29 -36.27 -18.21
N THR B 120 13.48 -37.57 -17.96
CA THR B 120 14.18 -38.46 -18.92
C THR B 120 13.32 -38.88 -20.11
N GLY B 121 12.00 -38.70 -20.01
CA GLY B 121 11.05 -39.26 -20.97
C GLY B 121 10.42 -40.55 -20.45
N GLU B 122 11.09 -41.25 -19.55
CA GLU B 122 10.56 -42.45 -18.91
C GLU B 122 10.41 -42.30 -17.40
N ALA B 123 11.13 -41.36 -16.79
CA ALA B 123 10.95 -41.08 -15.38
C ALA B 123 11.11 -39.57 -15.13
N VAL B 124 10.31 -39.06 -14.19
CA VAL B 124 10.38 -37.66 -13.76
C VAL B 124 11.00 -37.62 -12.39
N VAL B 125 12.20 -37.00 -12.27
CA VAL B 125 13.02 -37.16 -11.05
C VAL B 125 13.17 -35.74 -10.51
N PHE B 126 12.86 -35.54 -9.23
CA PHE B 126 12.79 -34.18 -8.75
C PHE B 126 13.10 -34.20 -7.26
N THR B 127 13.50 -33.04 -6.76
CA THR B 127 13.69 -32.89 -5.36
C THR B 127 12.59 -31.95 -4.87
N GLY B 128 12.14 -32.21 -3.67
CA GLY B 128 11.07 -31.46 -3.10
C GLY B 128 11.17 -31.38 -1.61
N ALA B 129 10.61 -30.33 -1.06
CA ALA B 129 10.60 -30.18 0.38
C ALA B 129 9.20 -30.25 0.93
N THR B 130 9.03 -30.95 2.03
CA THR B 130 7.76 -30.93 2.75
C THR B 130 8.08 -30.40 4.12
N GLU B 131 7.12 -30.50 5.02
CA GLU B 131 7.35 -30.01 6.38
C GLU B 131 8.45 -30.83 7.06
N ASP B 132 8.49 -32.14 6.81
CA ASP B 132 9.39 -32.99 7.61
C ASP B 132 10.67 -33.36 6.85
N ARG B 133 10.76 -33.11 5.54
CA ARG B 133 11.99 -33.50 4.86
C ARG B 133 12.21 -32.82 3.56
N VAL B 134 13.41 -32.99 3.07
CA VAL B 134 13.72 -32.75 1.68
C VAL B 134 14.06 -34.09 1.06
N ALA B 135 13.58 -34.36 -0.16
CA ALA B 135 13.81 -35.67 -0.71
C ALA B 135 13.97 -35.64 -2.18
N LEU B 136 14.62 -36.69 -2.63
CA LEU B 136 14.79 -36.99 -4.01
C LEU B 136 13.76 -38.07 -4.35
N TYR B 137 13.02 -37.82 -5.38
CA TYR B 137 11.87 -38.64 -5.82
C TYR B 137 12.00 -39.04 -7.26
N ALA B 138 11.45 -40.21 -7.62
CA ALA B 138 11.28 -40.59 -9.00
C ALA B 138 9.85 -41.06 -9.24
N LEU B 139 9.28 -40.56 -10.32
CA LEU B 139 8.00 -40.97 -10.75
C LEU B 139 8.14 -41.57 -12.13
N ASP B 140 7.74 -42.83 -12.24
CA ASP B 140 7.75 -43.53 -13.54
C ASP B 140 6.42 -44.25 -13.72
N GLY B 141 6.39 -45.24 -14.63
CA GLY B 141 5.16 -45.92 -14.93
C GLY B 141 4.68 -46.76 -13.79
N GLY B 142 5.59 -47.18 -12.92
CA GLY B 142 5.26 -47.91 -11.71
C GLY B 142 4.78 -47.08 -10.52
N GLY B 143 4.77 -45.75 -10.64
CA GLY B 143 4.36 -44.90 -9.52
C GLY B 143 5.51 -44.08 -8.92
N LEU B 144 5.23 -43.42 -7.79
CA LEU B 144 6.17 -42.51 -7.13
C LEU B 144 7.01 -43.28 -6.15
N ARG B 145 8.31 -43.00 -6.12
CA ARG B 145 9.19 -43.60 -5.17
C ARG B 145 10.10 -42.53 -4.56
N GLU B 146 10.45 -42.70 -3.28
CA GLU B 146 11.34 -41.76 -2.61
C GLU B 146 12.70 -42.40 -2.68
N LEU B 147 13.60 -41.81 -3.46
CA LEU B 147 14.94 -42.38 -3.64
C LEU B 147 15.83 -42.13 -2.48
N ALA B 148 15.79 -40.94 -1.93
CA ALA B 148 16.57 -40.59 -0.76
C ALA B 148 16.01 -39.38 -0.08
N ARG B 149 16.21 -39.34 1.23
CA ARG B 149 15.96 -38.21 2.01
C ARG B 149 17.30 -37.45 1.99
N LEU B 150 17.27 -36.13 1.88
CA LEU B 150 18.49 -35.32 1.75
C LEU B 150 18.74 -34.54 2.98
N PRO B 151 20.03 -34.29 3.33
CA PRO B 151 20.29 -33.46 4.48
C PRO B 151 19.96 -31.96 4.38
N GLY B 152 19.41 -31.45 3.28
CA GLY B 152 19.14 -30.02 3.15
C GLY B 152 18.71 -29.75 1.74
N PHE B 153 18.59 -28.49 1.34
CA PHE B 153 18.32 -28.18 -0.06
C PHE B 153 19.22 -29.05 -0.97
N GLY B 154 18.61 -29.63 -1.98
CA GLY B 154 19.29 -30.39 -3.00
C GLY B 154 18.58 -30.21 -4.33
N PHE B 155 19.38 -30.31 -5.39
CA PHE B 155 18.93 -30.03 -6.74
C PHE B 155 19.48 -31.11 -7.63
N VAL B 156 18.59 -31.67 -8.44
CA VAL B 156 18.95 -32.62 -9.44
C VAL B 156 19.61 -31.90 -10.58
N SER B 157 20.78 -32.38 -11.01
CA SER B 157 21.56 -31.73 -12.07
C SER B 157 21.47 -32.48 -13.37
N ASP B 158 21.50 -33.80 -13.30
CA ASP B 158 21.60 -34.59 -14.51
C ASP B 158 21.34 -36.06 -14.21
N ILE B 159 20.87 -36.77 -15.23
CA ILE B 159 20.61 -38.19 -15.18
C ILE B 159 21.16 -38.78 -16.49
N ARG B 160 21.90 -39.84 -16.37
CA ARG B 160 22.35 -40.63 -17.51
C ARG B 160 22.24 -42.06 -17.08
N GLY B 161 21.49 -42.84 -17.84
CA GLY B 161 21.11 -44.18 -17.44
C GLY B 161 20.43 -44.20 -16.08
N ASP B 162 20.93 -45.06 -15.20
CA ASP B 162 20.45 -45.18 -13.83
C ASP B 162 21.16 -44.19 -12.85
N LEU B 163 22.08 -43.37 -13.34
CA LEU B 163 22.91 -42.58 -12.46
C LEU B 163 22.28 -41.23 -12.38
N ILE B 164 22.02 -40.81 -11.15
CA ILE B 164 21.48 -39.46 -10.92
C ILE B 164 22.56 -38.63 -10.24
N ALA B 165 22.83 -37.44 -10.76
CA ALA B 165 23.76 -36.49 -10.17
C ALA B 165 23.06 -35.22 -9.75
N GLY B 166 23.45 -34.71 -8.60
CA GLY B 166 22.92 -33.43 -8.12
C GLY B 166 23.83 -32.68 -7.19
N LEU B 167 23.34 -31.53 -6.73
CA LEU B 167 24.15 -30.63 -5.88
C LEU B 167 23.36 -30.44 -4.61
N GLY B 168 24.04 -30.52 -3.48
CA GLY B 168 23.43 -30.50 -2.15
C GLY B 168 24.01 -29.38 -1.28
N PHE B 169 23.15 -28.58 -0.67
CA PHE B 169 23.54 -27.69 0.42
C PHE B 169 23.38 -28.40 1.73
N PHE B 170 24.37 -29.22 2.09
CA PHE B 170 24.24 -30.16 3.19
C PHE B 170 25.00 -29.74 4.43
N GLY B 171 25.66 -28.60 4.41
CA GLY B 171 26.24 -28.07 5.65
C GLY B 171 27.21 -26.92 5.45
N GLY B 172 27.17 -25.96 6.37
CA GLY B 172 28.21 -24.89 6.48
C GLY B 172 28.20 -23.94 5.32
N GLY B 173 27.13 -23.93 4.53
CA GLY B 173 27.12 -23.16 3.28
C GLY B 173 27.78 -23.78 2.09
N ARG B 174 28.35 -24.96 2.28
CA ARG B 174 29.13 -25.62 1.26
C ARG B 174 28.20 -26.47 0.38
N VAL B 175 28.57 -26.62 -0.89
CA VAL B 175 27.81 -27.42 -1.85
C VAL B 175 28.55 -28.74 -2.11
N SER B 176 27.88 -29.82 -1.77
CA SER B 176 28.34 -31.14 -2.07
C SER B 176 27.83 -31.62 -3.42
N LEU B 177 28.49 -32.61 -3.97
CA LEU B 177 27.89 -33.37 -5.07
C LEU B 177 27.19 -34.58 -4.45
N PHE B 178 26.06 -34.97 -5.04
CA PHE B 178 25.45 -36.23 -4.69
C PHE B 178 25.06 -37.03 -5.91
N THR B 179 25.04 -38.33 -5.69
CA THR B 179 24.51 -39.22 -6.66
C THR B 179 23.49 -40.15 -6.01
N SER B 180 22.64 -40.65 -6.87
CA SER B 180 21.67 -41.68 -6.51
C SER B 180 21.51 -42.59 -7.71
N ASN B 181 20.72 -43.63 -7.48
CA ASN B 181 20.35 -44.61 -8.46
C ASN B 181 18.85 -44.50 -8.76
N LEU B 182 18.52 -44.27 -10.01
CA LEU B 182 17.14 -44.20 -10.49
C LEU B 182 16.32 -45.47 -10.14
N SER B 183 16.91 -46.63 -10.26
CA SER B 183 16.17 -47.88 -10.02
C SER B 183 15.97 -48.27 -8.57
N SER B 184 16.98 -48.03 -7.71
CA SER B 184 16.96 -48.51 -6.32
C SER B 184 17.22 -47.43 -5.24
N GLY B 185 17.44 -46.17 -5.65
CA GLY B 185 17.56 -45.06 -4.74
C GLY B 185 18.88 -45.06 -4.01
N GLY B 186 18.84 -44.62 -2.76
CA GLY B 186 20.06 -44.41 -2.00
C GLY B 186 20.71 -43.06 -2.29
N LEU B 187 21.81 -42.83 -1.61
CA LEU B 187 22.50 -41.57 -1.68
C LEU B 187 23.97 -41.74 -1.39
N ARG B 188 24.79 -41.11 -2.23
CA ARG B 188 26.17 -40.86 -1.88
C ARG B 188 26.52 -39.41 -2.05
N VAL B 189 27.23 -38.93 -1.04
CA VAL B 189 27.60 -37.56 -0.95
C VAL B 189 29.11 -37.40 -1.10
N PHE B 190 29.50 -36.45 -1.96
CA PHE B 190 30.93 -36.15 -2.17
C PHE B 190 31.18 -34.70 -1.78
N ASP B 191 32.03 -34.55 -0.77
CA ASP B 191 32.36 -33.25 -0.19
C ASP B 191 33.80 -32.95 -0.55
N SER B 192 34.05 -31.77 -1.10
CA SER B 192 35.41 -31.34 -1.40
C SER B 192 35.90 -30.52 -0.22
N GLY B 193 37.13 -30.78 0.20
CA GLY B 193 37.82 -29.95 1.19
C GLY B 193 38.36 -28.65 0.63
N GLU B 194 38.29 -28.43 -0.68
CA GLU B 194 38.75 -27.18 -1.30
C GLU B 194 37.71 -26.13 -1.55
N GLY B 195 36.45 -26.52 -1.54
CA GLY B 195 35.45 -25.61 -1.95
C GLY B 195 34.14 -26.33 -2.23
N SER B 196 33.36 -25.73 -3.12
CA SER B 196 31.99 -26.19 -3.36
C SER B 196 31.75 -26.54 -4.81
N PHE B 197 31.02 -27.60 -5.01
CA PHE B 197 30.65 -28.01 -6.35
C PHE B 197 29.60 -27.08 -6.87
N SER B 198 29.62 -26.78 -8.16
CA SER B 198 28.79 -25.71 -8.64
C SER B 198 27.76 -25.99 -9.78
N SER B 199 27.98 -27.04 -10.53
CA SER B 199 27.17 -27.41 -11.68
C SER B 199 27.65 -28.83 -11.94
N ALA B 200 26.86 -29.68 -12.60
CA ALA B 200 27.25 -31.06 -12.78
C ALA B 200 26.61 -31.71 -14.00
N SER B 201 27.36 -32.60 -14.66
CA SER B 201 26.82 -33.33 -15.81
C SER B 201 27.59 -34.63 -15.99
N ILE B 202 26.84 -35.68 -16.33
CA ILE B 202 27.39 -37.03 -16.35
C ILE B 202 27.97 -37.30 -17.73
N SER B 203 29.24 -37.68 -17.78
CA SER B 203 29.91 -37.88 -19.06
C SER B 203 29.42 -39.17 -19.65
N PRO B 204 29.61 -39.35 -20.97
CA PRO B 204 29.42 -40.66 -21.63
C PRO B 204 30.13 -41.81 -20.91
N GLY B 205 31.28 -41.53 -20.32
CA GLY B 205 31.94 -42.49 -19.43
C GLY B 205 31.33 -42.74 -18.04
N MET B 206 30.21 -42.09 -17.72
CA MET B 206 29.54 -42.29 -16.41
C MET B 206 30.41 -41.85 -15.22
N LYS B 207 31.21 -40.81 -15.46
CA LYS B 207 31.79 -40.03 -14.39
C LYS B 207 30.99 -38.73 -14.31
N VAL B 208 31.15 -38.02 -13.20
CA VAL B 208 30.43 -36.75 -12.99
C VAL B 208 31.37 -35.58 -13.19
N THR B 209 31.17 -34.82 -14.27
CA THR B 209 31.95 -33.60 -14.51
C THR B 209 31.25 -32.48 -13.70
N ALA B 210 32.03 -31.76 -12.92
CA ALA B 210 31.51 -30.72 -12.05
C ALA B 210 32.42 -29.53 -12.04
N GLY B 211 31.84 -28.36 -11.87
CA GLY B 211 32.58 -27.15 -11.54
C GLY B 211 32.94 -27.22 -10.08
N LEU B 212 34.16 -26.81 -9.73
CA LEU B 212 34.55 -26.72 -8.34
C LEU B 212 34.99 -25.29 -8.06
N GLU B 213 34.29 -24.64 -7.14
CA GLU B 213 34.56 -23.22 -6.77
C GLU B 213 35.39 -23.20 -5.47
N THR B 214 36.66 -22.79 -5.61
CA THR B 214 37.58 -22.81 -4.48
C THR B 214 37.73 -21.37 -4.01
N ALA B 215 38.69 -21.14 -3.11
CA ALA B 215 38.70 -19.94 -2.28
C ALA B 215 38.52 -18.67 -3.11
N ARG B 216 39.23 -18.61 -4.24
CA ARG B 216 39.23 -17.42 -5.09
C ARG B 216 39.16 -17.74 -6.60
N GLU B 217 38.93 -19.00 -6.96
CA GLU B 217 39.02 -19.46 -8.35
C GLU B 217 37.99 -20.57 -8.59
N ALA B 218 37.82 -20.97 -9.85
CA ALA B 218 37.00 -22.12 -10.17
C ALA B 218 37.68 -23.00 -11.21
N ARG B 219 37.53 -24.32 -11.09
CA ARG B 219 38.00 -25.24 -12.11
C ARG B 219 37.02 -26.40 -12.35
N LEU B 220 37.33 -27.25 -13.33
CA LEU B 220 36.56 -28.43 -13.62
C LEU B 220 37.20 -29.69 -13.08
N VAL B 221 36.36 -30.57 -12.53
CA VAL B 221 36.84 -31.84 -12.00
C VAL B 221 35.98 -32.98 -12.51
N THR B 222 36.54 -34.18 -12.40
CA THR B 222 35.87 -35.40 -12.74
C THR B 222 35.73 -36.20 -11.45
N VAL B 223 34.50 -36.55 -11.12
CA VAL B 223 34.26 -37.36 -9.94
C VAL B 223 33.78 -38.70 -10.41
N ASP B 224 34.42 -39.77 -9.94
CA ASP B 224 33.96 -41.12 -10.18
C ASP B 224 33.06 -41.50 -9.02
N PRO B 225 31.77 -41.67 -9.31
CA PRO B 225 30.80 -41.95 -8.26
C PRO B 225 30.96 -43.33 -7.63
N ARG B 226 31.77 -44.20 -8.25
CA ARG B 226 32.05 -45.54 -7.72
C ARG B 226 32.99 -45.48 -6.50
N ASP B 227 34.02 -44.65 -6.55
CA ASP B 227 35.01 -44.64 -5.47
C ASP B 227 35.18 -43.26 -4.84
N GLY B 228 34.50 -42.25 -5.36
CA GLY B 228 34.64 -40.90 -4.85
C GLY B 228 35.94 -40.25 -5.27
N SER B 229 36.70 -40.88 -6.16
CA SER B 229 37.95 -40.28 -6.65
C SER B 229 37.64 -39.02 -7.43
N VAL B 230 38.50 -38.01 -7.27
CA VAL B 230 38.37 -36.76 -7.97
C VAL B 230 39.66 -36.43 -8.69
N GLU B 231 39.57 -35.88 -9.89
CA GLU B 231 40.79 -35.44 -10.57
C GLU B 231 40.42 -34.24 -11.38
N ASP B 232 41.40 -33.45 -11.75
CA ASP B 232 41.11 -32.29 -12.55
C ASP B 232 40.82 -32.74 -13.94
N LEU B 233 39.94 -32.03 -14.61
CA LEU B 233 39.59 -32.35 -15.97
C LEU B 233 40.34 -31.39 -16.87
N GLU B 234 41.10 -31.94 -17.80
CA GLU B 234 41.79 -31.09 -18.78
C GLU B 234 41.01 -31.22 -20.08
N LEU B 235 40.81 -30.10 -20.74
CA LEU B 235 40.07 -30.05 -21.98
C LEU B 235 40.97 -29.83 -23.21
N PRO B 236 40.52 -30.25 -24.42
CA PRO B 236 41.33 -30.13 -25.63
C PRO B 236 41.86 -28.71 -25.88
N SER B 237 41.03 -27.71 -25.64
CA SER B 237 41.46 -26.30 -25.78
C SER B 237 41.64 -25.66 -24.42
N LYS B 238 42.62 -24.76 -24.31
CA LYS B 238 42.99 -24.12 -23.03
C LYS B 238 42.41 -22.71 -22.82
N ASP B 239 41.47 -22.29 -23.66
CA ASP B 239 40.84 -20.97 -23.45
C ASP B 239 40.16 -20.88 -22.07
N PHE B 240 39.51 -21.97 -21.68
CA PHE B 240 38.86 -22.01 -20.40
C PHE B 240 39.86 -21.80 -19.25
N SER B 241 40.89 -22.63 -19.17
CA SER B 241 41.93 -22.52 -18.14
C SER B 241 42.45 -21.11 -18.06
N SER B 242 42.73 -20.56 -19.23
CA SER B 242 43.45 -19.31 -19.28
C SER B 242 42.50 -18.16 -18.93
N TYR B 243 41.19 -18.35 -19.10
CA TYR B 243 40.20 -17.34 -18.69
C TYR B 243 40.21 -17.11 -17.17
N ARG B 244 40.62 -18.12 -16.42
CA ARG B 244 40.67 -18.06 -14.95
C ARG B 244 39.31 -17.64 -14.36
N PRO B 245 38.26 -18.42 -14.63
CA PRO B 245 36.98 -18.05 -14.04
C PRO B 245 37.03 -18.05 -12.53
N THR B 246 36.22 -17.21 -11.91
CA THR B 246 36.02 -17.29 -10.47
C THR B 246 34.88 -18.25 -10.06
N ALA B 247 33.90 -18.33 -10.96
CA ALA B 247 32.72 -19.14 -10.72
C ALA B 247 32.24 -19.84 -11.98
N ILE B 248 31.53 -20.94 -11.77
CA ILE B 248 30.96 -21.67 -12.87
C ILE B 248 29.42 -21.51 -12.80
N THR B 249 28.87 -20.99 -13.88
CA THR B 249 27.44 -20.76 -13.99
C THR B 249 26.73 -22.04 -14.32
N TRP B 250 27.16 -22.76 -15.36
CA TRP B 250 26.47 -23.94 -15.80
C TRP B 250 27.42 -24.77 -16.69
N LEU B 251 27.23 -26.07 -16.70
CA LEU B 251 27.85 -26.95 -17.68
C LEU B 251 26.98 -28.13 -18.03
N GLY B 252 27.27 -28.75 -19.16
CA GLY B 252 26.41 -29.80 -19.71
C GLY B 252 27.00 -30.42 -20.96
N TYR B 253 26.86 -31.74 -21.10
CA TYR B 253 27.28 -32.45 -22.29
C TYR B 253 26.24 -32.26 -23.37
N LEU B 254 26.70 -31.91 -24.56
CA LEU B 254 25.82 -31.83 -25.71
C LEU B 254 25.60 -33.23 -26.30
N PRO B 255 24.58 -33.39 -27.14
CA PRO B 255 24.30 -34.73 -27.61
C PRO B 255 25.38 -35.25 -28.54
N ASP B 256 26.31 -34.41 -29.00
CA ASP B 256 27.45 -34.89 -29.78
C ASP B 256 28.66 -35.22 -28.91
N GLY B 257 28.51 -35.19 -27.58
CA GLY B 257 29.58 -35.59 -26.67
C GLY B 257 30.43 -34.44 -26.17
N ARG B 258 30.38 -33.30 -26.83
CA ARG B 258 31.17 -32.14 -26.37
C ARG B 258 30.62 -31.50 -25.09
N LEU B 259 31.54 -30.95 -24.30
CA LEU B 259 31.24 -30.32 -23.05
C LEU B 259 31.06 -28.80 -23.19
N ALA B 260 29.87 -28.33 -22.88
CA ALA B 260 29.59 -26.90 -22.85
C ALA B 260 29.70 -26.43 -21.42
N VAL B 261 30.39 -25.31 -21.22
CA VAL B 261 30.57 -24.66 -19.91
C VAL B 261 30.36 -23.18 -20.06
N VAL B 262 29.63 -22.61 -19.11
CA VAL B 262 29.51 -21.20 -18.98
C VAL B 262 30.10 -20.86 -17.64
N ALA B 263 31.12 -20.00 -17.67
CA ALA B 263 31.80 -19.63 -16.45
C ALA B 263 31.95 -18.14 -16.43
N ARG B 264 32.29 -17.60 -15.27
CA ARG B 264 32.24 -16.17 -15.14
C ARG B 264 33.30 -15.59 -14.18
N ARG B 265 33.50 -14.28 -14.34
CA ARG B 265 34.34 -13.48 -13.46
C ARG B 265 33.85 -12.06 -13.47
N GLU B 266 33.91 -11.43 -12.30
CA GLU B 266 33.51 -10.03 -12.17
C GLU B 266 32.16 -9.68 -12.84
N GLY B 267 31.18 -10.57 -12.68
CA GLY B 267 29.81 -10.31 -13.13
C GLY B 267 29.52 -10.42 -14.61
N ARG B 268 30.39 -11.09 -15.33
CA ARG B 268 30.20 -11.34 -16.76
C ARG B 268 30.76 -12.69 -17.09
N SER B 269 30.06 -13.40 -17.98
CA SER B 269 30.35 -14.78 -18.30
C SER B 269 30.88 -14.95 -19.71
N ALA B 270 31.31 -16.18 -19.99
CA ALA B 270 31.84 -16.59 -21.26
C ALA B 270 31.46 -18.04 -21.47
N VAL B 271 31.43 -18.44 -22.74
CA VAL B 271 30.95 -19.74 -23.14
C VAL B 271 32.10 -20.52 -23.79
N PHE B 272 32.28 -21.77 -23.38
CA PHE B 272 33.35 -22.62 -23.89
C PHE B 272 32.79 -23.96 -24.31
N ILE B 273 33.32 -24.52 -25.40
CA ILE B 273 32.91 -25.84 -25.89
C ILE B 273 34.19 -26.66 -26.02
N ASP B 274 34.28 -27.75 -25.25
CA ASP B 274 35.53 -28.49 -25.09
C ASP B 274 36.75 -27.57 -24.82
N GLY B 275 36.47 -26.52 -24.03
CA GLY B 275 37.50 -25.64 -23.50
C GLY B 275 37.76 -24.43 -24.36
N GLU B 276 37.16 -24.41 -25.56
CA GLU B 276 37.38 -23.35 -26.54
C GLU B 276 36.32 -22.28 -26.45
N ARG B 277 36.77 -21.03 -26.36
CA ARG B 277 35.91 -19.87 -26.27
C ARG B 277 35.03 -19.76 -27.49
N VAL B 278 33.73 -19.51 -27.28
CA VAL B 278 32.80 -19.20 -28.36
C VAL B 278 32.30 -17.78 -28.19
N GLU B 279 32.30 -17.01 -29.26
CA GLU B 279 31.96 -15.59 -29.16
C GLU B 279 30.51 -15.51 -28.69
N ALA B 280 30.25 -14.58 -27.78
CA ALA B 280 28.91 -14.39 -27.23
C ALA B 280 28.74 -12.94 -26.80
N PRO B 281 27.52 -12.41 -26.91
CA PRO B 281 27.24 -11.05 -26.52
C PRO B 281 27.63 -10.77 -25.06
N GLN B 282 28.14 -9.57 -24.79
CA GLN B 282 28.64 -9.24 -23.46
C GLN B 282 27.51 -9.21 -22.40
N GLY B 283 27.79 -9.83 -21.25
CA GLY B 283 26.85 -9.87 -20.14
C GLY B 283 26.91 -11.24 -19.51
N ASN B 284 25.75 -11.87 -19.34
CA ASN B 284 25.69 -13.21 -18.78
C ASN B 284 24.85 -14.17 -19.64
N HIS B 285 25.23 -15.43 -19.57
CA HIS B 285 24.62 -16.50 -20.38
C HIS B 285 24.11 -17.60 -19.49
N GLY B 286 23.15 -18.35 -20.00
CA GLY B 286 22.57 -19.51 -19.27
C GLY B 286 22.98 -20.80 -19.91
N ARG B 287 22.07 -21.76 -19.93
CA ARG B 287 22.30 -23.02 -20.63
C ARG B 287 22.70 -22.82 -22.06
N VAL B 288 23.41 -23.81 -22.58
CA VAL B 288 23.77 -23.87 -23.98
C VAL B 288 23.22 -25.18 -24.54
N VAL B 289 22.58 -25.09 -25.70
CA VAL B 289 22.09 -26.29 -26.37
C VAL B 289 22.55 -26.35 -27.82
N LEU B 290 22.56 -27.55 -28.37
CA LEU B 290 22.73 -27.80 -29.82
C LEU B 290 21.32 -27.94 -30.45
N TRP B 291 21.00 -27.04 -31.37
CA TRP B 291 19.69 -26.98 -32.02
C TRP B 291 19.96 -26.77 -33.49
N ARG B 292 19.33 -27.54 -34.38
CA ARG B 292 19.56 -27.41 -35.84
C ARG B 292 21.05 -27.51 -36.16
N GLY B 293 21.80 -28.22 -35.34
CA GLY B 293 23.24 -28.26 -35.46
C GLY B 293 23.96 -26.95 -35.14
N LYS B 294 23.29 -25.99 -34.51
CA LYS B 294 23.91 -24.73 -34.12
C LYS B 294 23.74 -24.49 -32.59
N LEU B 295 24.60 -23.65 -32.05
CA LEU B 295 24.65 -23.42 -30.62
C LEU B 295 23.74 -22.28 -30.26
N VAL B 296 23.04 -22.46 -29.14
CA VAL B 296 22.04 -21.51 -28.70
C VAL B 296 22.15 -21.31 -27.20
N THR B 297 21.99 -20.08 -26.72
CA THR B 297 22.01 -19.81 -25.31
C THR B 297 21.09 -18.66 -24.98
N SER B 298 20.93 -18.40 -23.69
CA SER B 298 20.25 -17.23 -23.27
C SER B 298 21.28 -16.17 -22.96
N HIS B 299 20.87 -14.92 -23.09
CA HIS B 299 21.75 -13.83 -22.83
C HIS B 299 20.99 -12.72 -22.11
N THR B 300 21.69 -12.04 -21.21
CA THR B 300 21.15 -10.86 -20.54
C THR B 300 22.29 -9.92 -20.15
N SER B 301 21.96 -8.65 -19.96
CA SER B 301 22.90 -7.69 -19.38
C SER B 301 22.08 -6.64 -18.64
N LEU B 302 22.76 -5.72 -17.97
CA LEU B 302 22.07 -4.63 -17.30
C LEU B 302 21.17 -3.81 -18.23
N SER B 303 21.42 -3.81 -19.52
CA SER B 303 20.54 -3.12 -20.44
C SER B 303 19.88 -4.05 -21.44
N THR B 304 19.89 -5.36 -21.18
CA THR B 304 19.26 -6.33 -22.07
C THR B 304 18.44 -7.38 -21.28
N PRO B 305 17.11 -7.27 -21.36
CA PRO B 305 16.25 -8.27 -20.75
C PRO B 305 16.56 -9.65 -21.33
N PRO B 306 16.38 -10.69 -20.53
CA PRO B 306 16.81 -12.00 -20.99
C PRO B 306 16.22 -12.40 -22.33
N ARG B 307 17.08 -12.87 -23.22
CA ARG B 307 16.70 -13.20 -24.59
C ARG B 307 17.45 -14.47 -25.01
N ILE B 308 17.01 -15.06 -26.11
CA ILE B 308 17.58 -16.32 -26.61
C ILE B 308 18.35 -15.94 -27.85
N VAL B 309 19.64 -16.28 -27.88
CA VAL B 309 20.48 -15.96 -29.03
C VAL B 309 21.26 -17.18 -29.60
N SER B 310 21.62 -17.06 -30.86
CA SER B 310 22.47 -18.02 -31.51
C SER B 310 23.95 -17.60 -31.30
N LEU B 311 24.83 -18.60 -31.17
CA LEU B 311 26.26 -18.39 -31.08
C LEU B 311 26.93 -19.01 -32.33
N PRO B 312 28.03 -18.39 -32.83
CA PRO B 312 28.73 -17.19 -32.34
C PRO B 312 28.19 -15.89 -32.87
N SER B 313 27.17 -15.97 -33.72
CA SER B 313 26.52 -14.83 -34.30
C SER B 313 26.15 -13.78 -33.25
N GLY B 314 25.40 -14.22 -32.25
CA GLY B 314 24.71 -13.29 -31.38
C GLY B 314 23.35 -12.88 -31.92
N GLU B 315 22.91 -13.48 -33.04
CA GLU B 315 21.60 -13.12 -33.60
C GLU B 315 20.48 -13.60 -32.66
N PRO B 316 19.48 -12.73 -32.33
CA PRO B 316 18.37 -13.08 -31.44
C PRO B 316 17.32 -13.98 -32.11
N LEU B 317 16.89 -15.03 -31.41
CA LEU B 317 15.82 -15.92 -31.86
C LEU B 317 14.51 -15.47 -31.18
N LEU B 318 14.64 -15.05 -29.92
CA LEU B 318 13.52 -14.57 -29.12
C LEU B 318 14.01 -13.48 -28.22
N GLU B 319 13.37 -12.33 -28.33
CA GLU B 319 13.82 -11.16 -27.67
C GLU B 319 12.66 -10.18 -27.50
N GLY B 320 12.55 -9.64 -26.30
CA GLY B 320 11.58 -8.59 -26.01
C GLY B 320 12.24 -7.26 -26.25
N GLY B 321 11.59 -6.40 -27.02
CA GLY B 321 12.17 -5.09 -27.34
C GLY B 321 12.01 -4.08 -26.21
N LEU B 322 13.09 -3.35 -25.93
CA LEU B 322 12.98 -2.21 -25.01
C LEU B 322 12.70 -0.89 -25.75
N PRO B 323 11.59 -0.23 -25.39
CA PRO B 323 11.30 1.12 -25.89
C PRO B 323 12.47 2.10 -25.75
N GLU B 324 12.66 2.93 -26.79
CA GLU B 324 13.81 3.83 -26.87
C GLU B 324 13.86 4.75 -25.66
N ASP B 325 12.71 5.28 -25.25
CA ASP B 325 12.70 6.24 -24.14
C ASP B 325 13.11 5.59 -22.81
N LEU B 326 12.84 4.30 -22.67
CA LEU B 326 13.27 3.57 -21.46
C LEU B 326 14.76 3.22 -21.51
N ARG B 327 15.23 2.79 -22.69
CA ARG B 327 16.64 2.49 -22.89
C ARG B 327 17.50 3.70 -22.46
N ARG B 328 17.07 4.90 -22.86
CA ARG B 328 17.78 6.14 -22.55
C ARG B 328 17.80 6.47 -21.06
N SER B 329 16.87 5.90 -20.29
CA SER B 329 16.90 6.03 -18.80
C SER B 329 18.16 5.48 -18.10
N ILE B 330 18.82 4.49 -18.69
CA ILE B 330 20.05 3.93 -18.11
C ILE B 330 21.23 4.57 -18.79
N ALA B 331 21.85 5.54 -18.11
CA ALA B 331 22.96 6.31 -18.66
C ALA B 331 24.31 5.63 -18.53
N GLY B 332 24.38 4.50 -17.81
CA GLY B 332 25.63 3.75 -17.77
C GLY B 332 25.65 2.73 -16.66
N SER B 333 26.65 1.86 -16.71
CA SER B 333 26.96 0.96 -15.61
C SER B 333 28.46 0.77 -15.44
N ARG B 334 28.86 0.44 -14.22
CA ARG B 334 30.27 0.25 -13.89
C ARG B 334 30.40 -0.77 -12.77
N LEU B 335 31.52 -1.48 -12.73
CA LEU B 335 31.90 -2.30 -11.60
C LEU B 335 32.99 -1.63 -10.77
N VAL B 336 32.73 -1.37 -9.49
CA VAL B 336 33.72 -0.70 -8.63
C VAL B 336 34.04 -1.58 -7.41
N TRP B 337 35.20 -1.40 -6.80
CA TRP B 337 35.63 -2.20 -5.62
C TRP B 337 35.69 -1.31 -4.36
N VAL B 338 34.70 -1.44 -3.52
CA VAL B 338 34.58 -0.61 -2.30
C VAL B 338 35.35 -1.21 -1.10
N GLU B 339 36.13 -0.41 -0.39
CA GLU B 339 36.85 -0.94 0.76
C GLU B 339 35.96 -1.02 1.99
N SER B 340 35.92 -2.17 2.63
CA SER B 340 35.06 -2.37 3.78
C SER B 340 35.86 -2.30 5.09
N PHE B 341 35.13 -2.52 6.18
CA PHE B 341 35.66 -2.43 7.55
C PHE B 341 36.93 -3.20 7.88
N ASP B 342 37.18 -4.30 7.22
CA ASP B 342 38.35 -5.12 7.52
C ASP B 342 39.37 -5.08 6.39
N GLY B 343 39.16 -4.18 5.44
CA GLY B 343 40.06 -4.03 4.33
C GLY B 343 39.66 -4.81 3.12
N SER B 344 38.64 -5.66 3.23
CA SER B 344 38.17 -6.40 2.05
C SER B 344 37.61 -5.45 0.98
N ARG B 345 37.77 -5.85 -0.27
CA ARG B 345 37.24 -5.12 -1.42
C ARG B 345 35.90 -5.73 -1.90
N VAL B 346 34.84 -4.91 -1.85
CA VAL B 346 33.47 -5.37 -2.18
C VAL B 346 33.17 -4.99 -3.61
N PRO B 347 33.09 -5.99 -4.52
CA PRO B 347 32.67 -5.68 -5.89
C PRO B 347 31.21 -5.16 -5.94
N THR B 348 31.05 -3.98 -6.51
CA THR B 348 29.82 -3.23 -6.47
C THR B 348 29.46 -2.76 -7.84
N TYR B 349 28.31 -3.19 -8.35
CA TYR B 349 27.83 -2.73 -9.66
C TYR B 349 27.05 -1.43 -9.48
N VAL B 350 27.21 -0.52 -10.42
CA VAL B 350 26.58 0.79 -10.33
C VAL B 350 25.81 1.05 -11.62
N LEU B 351 24.56 1.46 -11.49
CA LEU B 351 23.77 1.89 -12.62
C LEU B 351 23.52 3.40 -12.49
N GLU B 352 23.95 4.17 -13.49
CA GLU B 352 23.70 5.60 -13.53
C GLU B 352 22.39 5.87 -14.24
N SER B 353 21.53 6.65 -13.58
CA SER B 353 20.31 7.11 -14.19
C SER B 353 20.64 8.27 -15.10
N GLY B 354 20.04 8.23 -16.29
CA GLY B 354 19.99 9.37 -17.19
C GLY B 354 18.95 10.40 -16.82
N ARG B 355 18.18 10.18 -15.77
CA ARG B 355 17.21 11.17 -15.33
C ARG B 355 17.53 11.67 -13.95
N ALA B 356 18.80 11.60 -13.56
CA ALA B 356 19.25 12.16 -12.29
C ALA B 356 20.56 12.90 -12.46
N PRO B 357 20.72 14.04 -11.77
CA PRO B 357 22.01 14.72 -11.82
C PRO B 357 23.07 13.90 -11.08
N THR B 358 24.32 14.37 -11.18
CA THR B 358 25.44 13.78 -10.45
C THR B 358 26.17 14.94 -9.75
N PRO B 359 26.12 14.99 -8.40
CA PRO B 359 25.57 13.98 -7.50
C PRO B 359 24.05 13.97 -7.48
N GLY B 360 23.46 12.82 -7.16
CA GLY B 360 22.03 12.68 -7.27
C GLY B 360 21.48 11.59 -6.36
N PRO B 361 20.17 11.50 -6.29
CA PRO B 361 19.57 10.55 -5.36
C PRO B 361 19.97 9.18 -5.82
N THR B 362 20.43 8.40 -4.86
CA THR B 362 21.03 7.11 -5.11
C THR B 362 20.48 6.07 -4.14
N VAL B 363 20.17 4.90 -4.67
CA VAL B 363 19.60 3.81 -3.86
C VAL B 363 20.62 2.69 -3.86
N VAL B 364 20.99 2.25 -2.66
CA VAL B 364 21.79 1.04 -2.48
C VAL B 364 20.71 -0.07 -2.47
N LEU B 365 20.65 -0.79 -3.58
CA LEU B 365 19.73 -1.83 -3.85
C LEU B 365 20.42 -3.16 -3.56
N VAL B 366 20.01 -3.77 -2.46
CA VAL B 366 20.69 -4.91 -1.91
C VAL B 366 20.14 -6.21 -2.36
N HIS B 367 21.01 -7.07 -2.89
CA HIS B 367 20.49 -8.32 -3.48
C HIS B 367 20.00 -9.30 -2.45
N GLY B 368 19.16 -10.25 -2.88
CA GLY B 368 18.60 -11.30 -2.08
C GLY B 368 19.52 -12.49 -1.95
N GLY B 369 18.97 -13.61 -1.52
CA GLY B 369 19.72 -14.89 -1.44
C GLY B 369 19.87 -15.38 -0.01
N PRO B 370 21.04 -15.13 0.64
CA PRO B 370 22.21 -14.29 0.29
C PRO B 370 23.10 -14.80 -0.83
N PHE B 371 22.97 -16.07 -1.21
CA PHE B 371 23.91 -16.62 -2.21
C PHE B 371 23.46 -16.31 -3.60
N ALA B 372 23.73 -15.08 -3.98
CA ALA B 372 23.33 -14.56 -5.26
C ALA B 372 24.29 -13.41 -5.49
N GLU B 373 24.21 -12.78 -6.67
CA GLU B 373 25.06 -11.65 -6.92
C GLU B 373 24.36 -10.62 -7.81
N ASP B 374 24.79 -9.37 -7.66
CA ASP B 374 24.57 -8.34 -8.66
C ASP B 374 25.63 -8.47 -9.75
N SER B 375 25.17 -8.58 -11.00
CA SER B 375 26.04 -8.85 -12.11
C SER B 375 25.63 -8.00 -13.29
N ASP B 376 26.31 -8.15 -14.44
CA ASP B 376 25.90 -7.51 -15.66
C ASP B 376 24.79 -8.37 -16.21
N SER B 377 23.65 -8.30 -15.50
CA SER B 377 22.44 -9.04 -15.85
C SER B 377 21.27 -8.15 -15.61
N TRP B 378 20.23 -8.31 -16.41
CA TRP B 378 19.05 -7.47 -16.30
C TRP B 378 18.47 -7.51 -14.88
N ASP B 379 18.09 -6.34 -14.38
CA ASP B 379 17.44 -6.27 -13.07
C ASP B 379 16.32 -5.24 -13.19
N THR B 380 15.09 -5.75 -13.21
CA THR B 380 13.89 -4.90 -13.40
C THR B 380 13.79 -3.80 -12.33
N PHE B 381 14.11 -4.17 -11.09
CA PHE B 381 14.06 -3.24 -9.96
C PHE B 381 15.09 -2.15 -10.14
N ALA B 382 16.30 -2.56 -10.46
CA ALA B 382 17.34 -1.54 -10.73
C ALA B 382 16.94 -0.65 -11.91
N ALA B 383 16.40 -1.24 -12.99
CA ALA B 383 15.98 -0.42 -14.15
C ALA B 383 14.88 0.57 -13.82
N SER B 384 13.97 0.14 -12.97
CA SER B 384 12.82 0.95 -12.62
C SER B 384 13.26 2.13 -11.82
N LEU B 385 14.22 1.91 -10.91
CA LEU B 385 14.79 2.99 -10.14
C LEU B 385 15.47 4.04 -11.06
N ALA B 386 16.19 3.58 -12.09
CA ALA B 386 16.88 4.50 -13.03
C ALA B 386 15.86 5.30 -13.80
N ALA B 387 14.82 4.63 -14.29
CA ALA B 387 13.72 5.32 -14.95
C ALA B 387 13.04 6.33 -14.03
N ALA B 388 13.01 6.07 -12.72
CA ALA B 388 12.43 7.01 -11.77
C ALA B 388 13.39 8.06 -11.28
N GLY B 389 14.60 8.12 -11.85
CA GLY B 389 15.56 9.18 -11.52
C GLY B 389 16.44 8.93 -10.30
N PHE B 390 16.76 7.67 -10.04
CA PHE B 390 17.73 7.29 -9.02
C PHE B 390 18.90 6.53 -9.61
N HIS B 391 20.11 6.88 -9.18
CA HIS B 391 21.27 6.04 -9.43
C HIS B 391 21.12 4.81 -8.55
N VAL B 392 21.75 3.73 -8.96
CA VAL B 392 21.62 2.47 -8.27
C VAL B 392 22.98 1.83 -7.95
N VAL B 393 23.19 1.52 -6.67
CA VAL B 393 24.45 0.94 -6.20
C VAL B 393 24.13 -0.46 -5.64
N MET B 394 24.83 -1.48 -6.14
CA MET B 394 24.49 -2.87 -5.92
C MET B 394 25.68 -3.68 -5.45
N PRO B 395 25.89 -3.72 -4.14
CA PRO B 395 27.10 -4.26 -3.61
C PRO B 395 27.06 -5.76 -3.37
N ASN B 396 28.11 -6.46 -3.81
CA ASN B 396 28.23 -7.87 -3.54
C ASN B 396 28.86 -8.13 -2.18
N TYR B 397 28.03 -7.97 -1.17
CA TYR B 397 28.44 -8.16 0.20
C TYR B 397 28.94 -9.59 0.45
N ARG B 398 29.76 -9.78 1.47
CA ARG B 398 30.23 -11.10 1.78
C ARG B 398 29.04 -12.05 2.00
N GLY B 399 29.14 -13.24 1.42
CA GLY B 399 27.97 -14.11 1.22
C GLY B 399 27.53 -14.23 -0.24
N SER B 400 27.90 -13.25 -1.07
CA SER B 400 27.56 -13.25 -2.48
C SER B 400 28.23 -14.39 -3.20
N THR B 401 27.58 -14.86 -4.26
CA THR B 401 28.26 -15.70 -5.24
C THR B 401 29.11 -14.86 -6.21
N GLY B 402 29.89 -15.58 -7.02
CA GLY B 402 30.60 -15.00 -8.16
C GLY B 402 32.04 -14.56 -7.88
N TYR B 403 32.46 -14.57 -6.61
CA TYR B 403 33.76 -14.02 -6.20
C TYR B 403 34.62 -15.00 -5.37
N GLY B 404 34.23 -16.25 -5.37
CA GLY B 404 34.99 -17.29 -4.72
C GLY B 404 34.32 -17.82 -3.47
N GLU B 405 34.70 -19.03 -3.14
CA GLU B 405 34.19 -19.69 -1.99
C GLU B 405 34.48 -18.96 -0.67
N GLU B 406 35.68 -18.36 -0.55
CA GLU B 406 36.03 -17.71 0.71
C GLU B 406 35.11 -16.50 0.99
N TRP B 407 34.89 -15.66 -0.03
CA TRP B 407 34.00 -14.50 0.13
C TRP B 407 32.55 -14.97 0.41
N ARG B 408 32.11 -15.99 -0.32
CA ARG B 408 30.71 -16.48 -0.15
C ARG B 408 30.51 -17.02 1.27
N LEU B 409 31.49 -17.75 1.82
CA LEU B 409 31.29 -18.37 3.12
C LEU B 409 31.48 -17.46 4.31
N LYS B 410 32.00 -16.27 4.10
CA LYS B 410 32.21 -15.36 5.21
C LYS B 410 30.94 -15.04 5.96
N ILE B 411 29.79 -15.16 5.29
CA ILE B 411 28.53 -14.78 5.92
C ILE B 411 28.07 -15.74 6.98
N ILE B 412 28.53 -17.01 6.87
CA ILE B 412 27.99 -18.10 7.68
C ILE B 412 28.26 -17.81 9.14
N GLY B 413 27.22 -17.89 9.96
CA GLY B 413 27.38 -17.54 11.36
C GLY B 413 27.46 -16.07 11.66
N ASP B 414 27.31 -15.22 10.65
CA ASP B 414 27.40 -13.77 10.85
C ASP B 414 26.38 -12.91 10.06
N PRO B 415 25.09 -13.36 10.00
CA PRO B 415 24.11 -12.46 9.40
C PRO B 415 23.98 -11.16 10.24
N CYS B 416 23.79 -10.03 9.55
CA CYS B 416 23.78 -8.69 10.21
C CYS B 416 25.14 -8.46 10.94
N GLY B 417 26.23 -8.54 10.19
CA GLY B 417 27.57 -8.37 10.72
C GLY B 417 28.41 -7.81 9.61
N GLY B 418 29.37 -8.61 9.13
CA GLY B 418 30.29 -8.15 8.09
C GLY B 418 29.60 -7.76 6.79
N GLU B 419 28.60 -8.54 6.39
CA GLU B 419 27.90 -8.20 5.14
C GLU B 419 27.19 -6.82 5.21
N LEU B 420 26.58 -6.54 6.35
CA LEU B 420 26.04 -5.19 6.60
C LEU B 420 27.10 -4.11 6.54
N GLU B 421 28.29 -4.37 7.10
CA GLU B 421 29.39 -3.42 6.93
C GLU B 421 29.69 -3.20 5.46
N ASP B 422 29.60 -4.26 4.65
CA ASP B 422 29.91 -4.11 3.25
C ASP B 422 28.87 -3.20 2.60
N VAL B 423 27.60 -3.38 2.96
CA VAL B 423 26.56 -2.59 2.39
C VAL B 423 26.79 -1.14 2.78
N SER B 424 27.14 -0.96 4.04
CA SER B 424 27.33 0.37 4.60
C SER B 424 28.54 1.10 3.97
N ALA B 425 29.61 0.36 3.73
CA ALA B 425 30.83 0.85 3.02
C ALA B 425 30.46 1.27 1.59
N ALA B 426 29.59 0.50 0.92
CA ALA B 426 29.10 0.87 -0.41
C ALA B 426 28.31 2.22 -0.36
N ALA B 427 27.57 2.42 0.73
CA ALA B 427 26.78 3.63 0.90
C ALA B 427 27.73 4.79 1.06
N ARG B 428 28.74 4.62 1.91
CA ARG B 428 29.74 5.67 2.13
C ARG B 428 30.50 6.00 0.85
N TRP B 429 30.86 4.99 0.09
CA TRP B 429 31.53 5.20 -1.19
C TRP B 429 30.68 6.04 -2.15
N ALA B 430 29.38 5.74 -2.20
CA ALA B 430 28.49 6.44 -3.13
C ALA B 430 28.47 7.95 -2.84
N ARG B 431 28.50 8.32 -1.56
CA ARG B 431 28.55 9.71 -1.18
C ARG B 431 29.94 10.28 -1.43
N GLU B 432 30.96 9.59 -0.93
CA GLU B 432 32.33 10.12 -1.05
C GLU B 432 32.85 10.22 -2.48
N SER B 433 32.49 9.27 -3.32
CA SER B 433 32.88 9.28 -4.73
C SER B 433 32.17 10.36 -5.52
N GLY B 434 31.15 10.95 -4.92
CA GLY B 434 30.41 12.04 -5.55
C GLY B 434 29.26 11.60 -6.43
N LEU B 435 28.89 10.33 -6.38
CA LEU B 435 27.70 9.89 -7.13
C LEU B 435 26.42 10.32 -6.43
N ALA B 436 26.42 10.26 -5.10
CA ALA B 436 25.17 10.40 -4.31
C ALA B 436 25.02 11.76 -3.61
N SER B 437 23.89 12.41 -3.83
CA SER B 437 23.54 13.60 -3.10
C SER B 437 22.75 13.25 -1.86
N GLU B 438 22.06 12.09 -1.92
CA GLU B 438 21.33 11.56 -0.79
C GLU B 438 21.22 10.05 -1.00
N LEU B 439 21.09 9.34 0.11
CA LEU B 439 21.19 7.89 0.08
C LEU B 439 19.96 7.19 0.63
N TYR B 440 19.52 6.17 -0.09
CA TYR B 440 18.41 5.29 0.34
C TYR B 440 18.89 3.87 0.27
N ILE B 441 18.18 3.00 1.00
CA ILE B 441 18.43 1.57 0.91
C ILE B 441 17.13 0.87 0.55
N MET B 442 17.24 -0.12 -0.34
CA MET B 442 16.11 -0.90 -0.80
C MET B 442 16.52 -2.34 -1.04
N GLY B 443 15.69 -3.31 -0.66
CA GLY B 443 15.93 -4.67 -1.04
C GLY B 443 14.75 -5.59 -0.83
N TYR B 444 14.84 -6.76 -1.46
CA TYR B 444 13.82 -7.75 -1.33
CA TYR B 444 13.81 -7.82 -1.46
C TYR B 444 14.48 -9.02 -0.80
N SER B 445 13.76 -9.67 0.08
CA SER B 445 14.16 -10.87 0.66
C SER B 445 15.36 -10.65 1.57
N TYR B 446 16.47 -11.36 1.37
CA TYR B 446 17.67 -11.04 2.21
C TYR B 446 18.01 -9.56 2.07
N GLY B 447 17.70 -8.97 0.92
CA GLY B 447 17.86 -7.54 0.74
C GLY B 447 17.01 -6.67 1.64
N GLY B 448 15.83 -7.14 1.94
CA GLY B 448 14.91 -6.44 2.83
C GLY B 448 15.33 -6.60 4.26
N TYR B 449 15.82 -7.79 4.60
CA TYR B 449 16.57 -8.02 5.82
C TYR B 449 17.67 -6.94 6.03
N MET B 450 18.46 -6.74 4.99
CA MET B 450 19.50 -5.75 5.06
C MET B 450 18.96 -4.34 5.30
N THR B 451 17.86 -3.98 4.64
CA THR B 451 17.24 -2.68 4.94
C THR B 451 16.94 -2.52 6.42
N LEU B 452 16.23 -3.52 6.98
CA LEU B 452 15.86 -3.49 8.40
C LEU B 452 17.12 -3.41 9.30
N CYS B 453 18.15 -4.16 8.96
CA CYS B 453 19.37 -4.20 9.73
C CYS B 453 20.13 -2.87 9.64
N ALA B 454 20.13 -2.23 8.48
CA ALA B 454 20.73 -0.93 8.30
C ALA B 454 20.02 0.16 9.11
N LEU B 455 18.68 0.16 9.06
CA LEU B 455 17.91 1.15 9.78
C LEU B 455 17.98 0.96 11.29
N THR B 456 18.15 -0.27 11.76
CA THR B 456 18.29 -0.52 13.18
C THR B 456 19.74 -0.37 13.69
N MET B 457 20.68 -0.88 12.93
CA MET B 457 22.06 -0.89 13.39
C MET B 457 22.85 0.33 12.93
N LYS B 458 22.49 0.91 11.80
CA LYS B 458 23.15 2.12 11.27
CA LYS B 458 23.16 2.10 11.27
C LYS B 458 22.17 3.29 11.09
N PRO B 459 21.47 3.66 12.16
CA PRO B 459 20.56 4.81 12.01
C PRO B 459 21.32 6.04 11.54
N GLY B 460 20.76 6.79 10.61
CA GLY B 460 21.45 8.02 10.14
C GLY B 460 22.24 7.80 8.86
N LEU B 461 22.63 6.56 8.58
CA LEU B 461 23.33 6.33 7.34
C LEU B 461 22.46 6.63 6.12
N PHE B 462 21.22 6.16 6.15
CA PHE B 462 20.29 6.29 5.02
C PHE B 462 19.22 7.29 5.35
N LYS B 463 18.67 7.89 4.29
CA LYS B 463 17.55 8.82 4.42
CA LYS B 463 17.55 8.81 4.44
C LYS B 463 16.22 8.07 4.71
N ALA B 464 16.05 6.94 4.08
CA ALA B 464 14.88 6.12 4.22
C ALA B 464 15.19 4.74 3.64
N GLY B 465 14.36 3.74 4.01
CA GLY B 465 14.52 2.38 3.51
C GLY B 465 13.27 1.70 3.01
N VAL B 466 13.44 0.82 2.03
CA VAL B 466 12.33 -0.04 1.53
C VAL B 466 12.74 -1.48 1.82
N ALA B 467 11.90 -2.17 2.59
CA ALA B 467 12.12 -3.54 2.96
C ALA B 467 11.03 -4.38 2.39
N GLY B 468 11.34 -5.14 1.35
CA GLY B 468 10.42 -6.05 0.69
C GLY B 468 10.67 -7.50 1.05
N ALA B 469 9.62 -8.25 1.27
CA ALA B 469 9.66 -9.67 1.61
C ALA B 469 10.84 -9.96 2.55
N SER B 470 10.87 -9.21 3.63
CA SER B 470 12.03 -9.17 4.56
C SER B 470 12.07 -10.36 5.46
N VAL B 471 13.30 -10.75 5.85
CA VAL B 471 13.57 -11.44 7.08
C VAL B 471 13.44 -10.46 8.25
N VAL B 472 12.65 -10.83 9.25
CA VAL B 472 12.30 -10.00 10.37
C VAL B 472 12.85 -10.58 11.69
N ASP B 473 12.68 -11.88 11.86
CA ASP B 473 13.01 -12.60 13.03
C ASP B 473 13.37 -13.99 12.67
N TRP B 474 14.65 -14.32 12.83
CA TRP B 474 15.09 -15.67 12.56
C TRP B 474 14.35 -16.71 13.41
N GLU B 475 14.06 -16.39 14.67
CA GLU B 475 13.54 -17.39 15.61
C GLU B 475 12.12 -17.76 15.17
N GLU B 476 11.25 -16.78 14.99
CA GLU B 476 9.86 -17.07 14.67
C GLU B 476 9.72 -17.66 13.25
N MET B 477 10.52 -17.15 12.30
CA MET B 477 10.56 -17.69 10.93
C MET B 477 10.94 -19.18 10.96
N TYR B 478 11.94 -19.51 11.80
CA TYR B 478 12.41 -20.90 11.86
C TYR B 478 11.24 -21.87 12.13
N GLU B 479 10.45 -21.52 13.13
CA GLU B 479 9.24 -22.25 13.53
C GLU B 479 8.17 -22.36 12.45
N LEU B 480 8.18 -21.44 11.50
CA LEU B 480 7.18 -21.47 10.43
C LEU B 480 7.75 -22.06 9.12
N SER B 481 8.98 -22.55 9.12
CA SER B 481 9.65 -22.89 7.87
C SER B 481 9.59 -24.39 7.56
N ASP B 482 9.54 -24.75 6.27
CA ASP B 482 9.63 -26.16 5.84
C ASP B 482 11.03 -26.74 6.07
N ALA B 483 11.22 -28.02 5.79
CA ALA B 483 12.50 -28.67 6.14
C ALA B 483 13.71 -28.02 5.46
N ALA B 484 13.53 -27.57 4.22
CA ALA B 484 14.64 -27.00 3.47
C ALA B 484 15.04 -25.67 4.06
N PHE B 485 14.04 -24.82 4.31
CA PHE B 485 14.31 -23.56 4.97
C PHE B 485 14.79 -23.64 6.42
N ARG B 486 14.29 -24.57 7.22
CA ARG B 486 14.85 -24.73 8.57
C ARG B 486 16.36 -25.00 8.53
N ASN B 487 16.76 -25.86 7.63
CA ASN B 487 18.15 -26.29 7.55
C ASN B 487 19.03 -25.13 7.08
N PHE B 488 18.52 -24.37 6.11
CA PHE B 488 19.23 -23.22 5.58
C PHE B 488 19.37 -22.15 6.66
N ILE B 489 18.31 -21.95 7.44
CA ILE B 489 18.43 -21.04 8.56
C ILE B 489 19.53 -21.50 9.54
N GLU B 490 19.60 -22.79 9.81
CA GLU B 490 20.58 -23.27 10.79
C GLU B 490 21.99 -23.02 10.23
N GLN B 491 22.15 -23.29 8.94
CA GLN B 491 23.43 -23.09 8.28
C GLN B 491 23.83 -21.63 8.38
N LEU B 492 22.95 -20.73 7.96
CA LEU B 492 23.27 -19.30 7.96
C LEU B 492 23.60 -18.73 9.31
N THR B 493 22.83 -19.12 10.31
CA THR B 493 22.97 -18.59 11.67
C THR B 493 24.04 -19.37 12.45
N GLY B 494 24.63 -20.40 11.84
CA GLY B 494 25.65 -21.25 12.51
C GLY B 494 25.08 -22.08 13.65
N GLY B 495 23.80 -22.36 13.60
CA GLY B 495 23.05 -23.03 14.64
C GLY B 495 23.06 -22.36 16.02
N SER B 496 23.12 -21.04 16.06
CA SER B 496 23.26 -20.34 17.28
C SER B 496 21.99 -19.55 17.54
N ARG B 497 21.35 -19.87 18.64
CA ARG B 497 20.20 -19.16 19.13
C ARG B 497 20.52 -17.68 19.39
N GLU B 498 21.72 -17.43 19.89
CA GLU B 498 22.12 -16.07 20.21
C GLU B 498 22.24 -15.21 18.95
N ILE B 499 22.77 -15.80 17.88
CA ILE B 499 22.77 -15.15 16.59
C ILE B 499 21.32 -14.95 16.07
N MET B 500 20.49 -15.99 16.17
CA MET B 500 19.11 -15.91 15.68
C MET B 500 18.42 -14.72 16.29
N ARG B 501 18.64 -14.49 17.57
CA ARG B 501 18.03 -13.39 18.29
C ARG B 501 18.71 -12.04 18.05
N SER B 502 20.01 -11.94 18.34
CA SER B 502 20.67 -10.61 18.27
C SER B 502 20.68 -10.07 16.85
N ARG B 503 20.65 -10.94 15.86
CA ARG B 503 20.70 -10.47 14.46
C ARG B 503 19.30 -10.34 13.86
N SER B 504 18.27 -10.35 14.70
CA SER B 504 16.91 -10.16 14.20
C SER B 504 16.50 -8.72 14.46
N PRO B 505 16.22 -7.97 13.38
CA PRO B 505 15.97 -6.56 13.61
C PRO B 505 14.67 -6.25 14.34
N ILE B 506 13.76 -7.21 14.48
CA ILE B 506 12.57 -6.97 15.31
C ILE B 506 12.99 -6.65 16.73
N ASN B 507 14.19 -7.08 17.14
CA ASN B 507 14.64 -6.90 18.52
C ASN B 507 15.39 -5.58 18.74
N HIS B 508 15.40 -4.69 17.74
CA HIS B 508 16.16 -3.48 17.78
C HIS B 508 15.36 -2.29 17.25
N VAL B 509 14.04 -2.38 17.36
CA VAL B 509 13.14 -1.40 16.72
C VAL B 509 13.31 -0.02 17.32
N ASP B 510 13.61 0.05 18.61
CA ASP B 510 13.77 1.33 19.27
C ASP B 510 14.85 2.21 18.62
N ARG B 511 15.84 1.59 17.94
CA ARG B 511 16.98 2.34 17.36
C ARG B 511 16.59 3.05 16.05
N ILE B 512 15.48 2.69 15.47
CA ILE B 512 15.13 3.19 14.15
C ILE B 512 14.79 4.69 14.20
N LYS B 513 15.34 5.44 13.26
CA LYS B 513 15.06 6.86 13.17
C LYS B 513 14.55 7.32 11.80
N GLU B 514 14.73 6.51 10.76
CA GLU B 514 14.40 6.88 9.41
C GLU B 514 13.05 6.25 8.99
N PRO B 515 12.32 6.93 8.12
CA PRO B 515 11.15 6.40 7.48
C PRO B 515 11.43 5.05 6.77
N LEU B 516 10.48 4.15 6.92
CA LEU B 516 10.59 2.77 6.45
C LEU B 516 9.31 2.39 5.70
N ALA B 517 9.46 1.76 4.55
CA ALA B 517 8.34 1.21 3.82
C ALA B 517 8.52 -0.27 3.77
N LEU B 518 7.55 -0.99 4.32
CA LEU B 518 7.48 -2.44 4.28
C LEU B 518 6.62 -2.91 3.12
N ILE B 519 7.05 -3.92 2.39
CA ILE B 519 6.28 -4.45 1.29
C ILE B 519 6.36 -5.96 1.40
N HIS B 520 5.23 -6.67 1.34
CA HIS B 520 5.24 -8.07 1.66
C HIS B 520 4.06 -8.83 1.07
N PRO B 521 4.34 -9.92 0.37
CA PRO B 521 3.26 -10.81 -0.16
C PRO B 521 2.69 -11.65 0.95
N GLN B 522 1.35 -11.73 1.06
CA GLN B 522 0.75 -12.30 2.25
C GLN B 522 1.05 -13.79 2.38
N ASN B 523 1.25 -14.49 1.26
CA ASN B 523 1.42 -15.96 1.28
C ASN B 523 2.86 -16.43 1.11
N ASP B 524 3.81 -15.53 1.34
CA ASP B 524 5.23 -15.86 1.27
C ASP B 524 5.52 -16.96 2.30
N SER B 525 6.02 -18.11 1.84
CA SER B 525 6.37 -19.23 2.73
C SER B 525 7.85 -19.31 3.03
N ARG B 526 8.63 -18.39 2.48
CA ARG B 526 10.04 -18.30 2.77
C ARG B 526 10.30 -17.27 3.84
N THR B 527 9.86 -16.05 3.58
CA THR B 527 9.93 -14.96 4.54
C THR B 527 8.47 -14.71 4.90
N PRO B 528 7.98 -15.34 5.95
CA PRO B 528 6.55 -15.31 6.20
C PRO B 528 6.06 -13.95 6.66
N LEU B 529 4.81 -13.66 6.38
CA LEU B 529 4.19 -12.36 6.79
C LEU B 529 4.03 -12.27 8.29
N LYS B 530 3.80 -13.40 8.98
CA LYS B 530 3.47 -13.31 10.41
C LYS B 530 4.44 -12.37 11.23
N PRO B 531 5.76 -12.59 11.15
CA PRO B 531 6.69 -11.73 11.89
C PRO B 531 6.70 -10.26 11.45
N LEU B 532 6.34 -10.00 10.20
CA LEU B 532 6.17 -8.66 9.74
C LEU B 532 5.02 -7.97 10.39
N LEU B 533 3.95 -8.70 10.75
CA LEU B 533 2.88 -8.09 11.50
C LEU B 533 3.32 -7.68 12.88
N ARG B 534 4.11 -8.51 13.53
CA ARG B 534 4.61 -8.19 14.83
C ARG B 534 5.56 -6.98 14.76
N LEU B 535 6.33 -6.89 13.71
CA LEU B 535 7.22 -5.75 13.52
C LEU B 535 6.40 -4.47 13.40
N MET B 536 5.27 -4.52 12.67
CA MET B 536 4.40 -3.35 12.54
CA MET B 536 4.43 -3.33 12.55
C MET B 536 3.90 -2.93 13.92
N GLY B 537 3.57 -3.92 14.71
CA GLY B 537 3.09 -3.66 16.06
C GLY B 537 4.14 -2.96 16.90
N GLU B 538 5.38 -3.34 16.70
CA GLU B 538 6.51 -2.72 17.43
C GLU B 538 6.76 -1.30 16.98
N LEU B 539 6.75 -1.10 15.68
CA LEU B 539 6.89 0.24 15.13
C LEU B 539 5.78 1.16 15.63
N LEU B 540 4.56 0.65 15.65
CA LEU B 540 3.43 1.46 16.12
C LEU B 540 3.59 1.81 17.63
N ALA B 541 3.80 0.78 18.43
CA ALA B 541 3.95 0.98 19.92
C ALA B 541 5.07 1.96 20.30
N ARG B 542 6.12 2.03 19.49
CA ARG B 542 7.25 2.90 19.74
C ARG B 542 7.17 4.21 19.00
N GLY B 543 6.06 4.47 18.33
CA GLY B 543 5.89 5.76 17.72
C GLY B 543 6.78 6.00 16.51
N LYS B 544 7.15 4.95 15.76
CA LYS B 544 7.96 5.13 14.60
C LYS B 544 7.12 5.38 13.37
N THR B 545 7.68 6.16 12.47
CA THR B 545 7.13 6.37 11.17
C THR B 545 7.30 5.14 10.28
N PHE B 546 6.25 4.71 9.60
CA PHE B 546 6.32 3.57 8.69
C PHE B 546 5.13 3.52 7.75
N GLU B 547 5.36 2.91 6.61
CA GLU B 547 4.32 2.55 5.72
C GLU B 547 4.44 1.07 5.33
N ALA B 548 3.33 0.49 4.92
CA ALA B 548 3.28 -0.93 4.64
C ALA B 548 2.32 -1.20 3.51
N HIS B 549 2.66 -2.21 2.69
CA HIS B 549 1.82 -2.69 1.63
C HIS B 549 1.91 -4.20 1.56
N ILE B 550 0.80 -4.86 1.86
CA ILE B 550 0.75 -6.28 1.85
C ILE B 550 -0.01 -6.65 0.61
N ILE B 551 0.52 -7.62 -0.13
CA ILE B 551 0.02 -8.01 -1.44
C ILE B 551 -0.76 -9.28 -1.34
N PRO B 552 -1.98 -9.29 -1.89
CA PRO B 552 -2.85 -10.43 -1.75
C PRO B 552 -2.46 -11.63 -2.67
N ASP B 553 -2.70 -12.81 -2.17
CA ASP B 553 -2.64 -14.10 -2.95
C ASP B 553 -1.32 -14.18 -3.72
N ALA B 554 -0.22 -13.81 -3.07
CA ALA B 554 1.08 -13.85 -3.69
C ALA B 554 2.10 -14.21 -2.62
N GLY B 555 3.22 -14.73 -3.09
CA GLY B 555 4.28 -15.17 -2.24
C GLY B 555 5.60 -14.65 -2.69
N HIS B 556 6.65 -15.37 -2.33
CA HIS B 556 8.00 -14.93 -2.60
C HIS B 556 8.36 -14.93 -4.09
N ALA B 557 7.72 -15.79 -4.88
CA ALA B 557 8.11 -15.93 -6.29
C ALA B 557 6.98 -15.31 -7.13
N ILE B 558 7.28 -14.17 -7.73
CA ILE B 558 6.28 -13.44 -8.48
C ILE B 558 6.25 -13.94 -9.95
N ASN B 559 5.08 -14.37 -10.42
CA ASN B 559 4.97 -14.89 -11.77
C ASN B 559 3.93 -14.18 -12.65
N THR B 560 3.45 -13.00 -12.23
CA THR B 560 2.55 -12.21 -13.07
C THR B 560 2.94 -10.76 -13.01
N MET B 561 2.64 -10.03 -14.08
CA MET B 561 2.88 -8.62 -14.10
C MET B 561 2.09 -7.90 -13.03
N GLU B 562 0.88 -8.35 -12.78
CA GLU B 562 0.03 -7.66 -11.80
C GLU B 562 0.65 -7.75 -10.42
N ASP B 563 1.25 -8.88 -10.10
CA ASP B 563 1.87 -9.04 -8.75
C ASP B 563 3.19 -8.29 -8.68
N ALA B 564 3.96 -8.31 -9.76
CA ALA B 564 5.19 -7.53 -9.80
C ALA B 564 4.94 -6.02 -9.62
N VAL B 565 3.87 -5.51 -10.23
CA VAL B 565 3.55 -4.10 -10.09
C VAL B 565 3.23 -3.78 -8.61
N LYS B 566 2.42 -4.66 -8.01
CA LYS B 566 2.07 -4.49 -6.64
C LYS B 566 3.27 -4.56 -5.70
N ILE B 567 4.30 -5.34 -6.00
CA ILE B 567 5.45 -5.33 -5.11
C ILE B 567 6.49 -4.27 -5.44
N LEU B 568 6.53 -3.80 -6.67
CA LEU B 568 7.52 -2.78 -7.04
C LEU B 568 7.02 -1.31 -6.96
N LEU B 569 5.84 -1.05 -7.47
CA LEU B 569 5.36 0.32 -7.51
C LEU B 569 5.32 1.08 -6.20
N PRO B 570 4.89 0.43 -5.11
CA PRO B 570 4.91 1.20 -3.87
C PRO B 570 6.31 1.64 -3.46
N ALA B 571 7.33 0.87 -3.80
CA ALA B 571 8.69 1.20 -3.38
C ALA B 571 9.14 2.46 -4.13
N VAL B 572 8.86 2.48 -5.41
CA VAL B 572 9.22 3.60 -6.27
C VAL B 572 8.48 4.89 -5.86
N PHE B 573 7.21 4.77 -5.54
CA PHE B 573 6.41 5.89 -5.06
C PHE B 573 6.96 6.40 -3.78
N PHE B 574 7.20 5.50 -2.85
CA PHE B 574 7.78 5.86 -1.54
C PHE B 574 9.13 6.62 -1.72
N LEU B 575 10.05 6.10 -2.53
CA LEU B 575 11.35 6.80 -2.71
C LEU B 575 11.19 8.15 -3.43
N ALA B 576 10.29 8.17 -4.43
CA ALA B 576 10.00 9.42 -5.14
C ALA B 576 9.46 10.47 -4.17
N THR B 577 8.62 10.05 -3.25
CA THR B 577 8.03 10.96 -2.30
C THR B 577 9.08 11.45 -1.30
N GLN B 578 9.96 10.53 -0.87
CA GLN B 578 11.08 10.89 0.01
C GLN B 578 12.00 11.96 -0.64
N ARG B 579 12.18 11.84 -1.95
CA ARG B 579 13.12 12.68 -2.64
C ARG B 579 12.64 14.10 -2.76
N GLU B 580 11.32 14.28 -2.66
CA GLU B 580 10.70 15.60 -2.70
C GLU B 580 10.72 16.32 -1.35
N ARG B 581 11.10 15.63 -0.27
CA ARG B 581 11.29 16.31 1.02
C ARG B 581 12.39 17.37 0.99
N31 Y3A C . -16.10 14.80 11.57
C14 Y3A C . -16.78 14.22 12.78
C13 Y3A C . -16.69 12.69 12.88
O31 Y3A C . -16.61 12.02 11.82
N3 Y3A C . -16.80 12.17 14.11
CA3 Y3A C . -16.41 10.75 14.49
C3 Y3A C . -15.50 10.33 13.38
O3 Y3A C . -14.38 10.79 13.26
C4 Y3A C . -14.88 8.34 10.79
O4 Y3A C . -16.12 8.67 10.22
CA4 Y3A C . -15.15 8.24 12.31
N4 Y3A C . -15.99 9.42 12.57
CB4 Y3A C . -15.79 6.86 12.75
CG4 Y3A C . -15.86 6.68 14.23
CD1 Y3A C . -14.70 6.67 15.05
CD2 Y3A C . -17.07 6.54 14.85
CE1 Y3A C . -14.81 6.41 16.44
CE2 Y3A C . -17.17 6.39 16.28
CZ4 Y3A C . -16.03 6.30 17.05
C15 Y3A C . -13.73 9.39 10.43
C ACT D . -36.02 24.01 -3.53
O ACT D . -34.88 24.47 -3.69
OXT ACT D . -36.95 24.71 -3.07
CH3 ACT D . -36.28 22.58 -3.92
C1 MPD E . -35.14 9.05 5.65
C2 MPD E . -36.63 8.71 5.91
O2 MPD E . -37.22 8.29 4.64
CM MPD E . -36.88 7.52 6.82
C3 MPD E . -37.32 9.89 6.56
C4 MPD E . -37.87 11.04 5.71
O4 MPD E . -37.22 12.29 6.07
C5 MPD E . -37.77 10.94 4.19
CL CL F . -10.90 22.25 2.92
N31 Y3A G . 16.58 -18.99 -5.25
C14 Y3A G . 17.21 -19.54 -4.01
C13 Y3A G . 17.00 -18.65 -2.79
O31 Y3A G . 16.87 -17.43 -2.93
N3 Y3A G . 16.99 -19.27 -1.58
CA3 Y3A G . 16.51 -18.65 -0.29
C3 Y3A G . 15.64 -17.43 -0.58
O3 Y3A G . 14.52 -17.52 -1.07
C4 Y3A G . 14.96 -14.17 -0.46
O4 Y3A G . 16.17 -13.81 -1.12
CA4 Y3A G . 15.24 -15.37 0.50
N4 Y3A G . 16.14 -16.27 -0.24
CB4 Y3A G . 15.88 -14.99 1.83
CG4 Y3A G . 15.85 -16.05 2.89
CD1 Y3A G . 14.63 -16.62 3.32
CD2 Y3A G . 17.08 -16.46 3.47
CE1 Y3A G . 14.62 -17.55 4.41
CE2 Y3A G . 17.04 -17.45 4.51
CZ4 Y3A G . 15.83 -17.96 4.99
C15 Y3A G . 13.82 -14.52 -1.46
C1 MPD H . 11.69 -22.48 -9.89
C2 MPD H . 11.02 -23.64 -9.19
O2 MPD H . 11.40 -23.56 -7.81
CM MPD H . 9.57 -23.24 -9.31
C3 MPD H . 11.15 -25.12 -9.74
C4 MPD H . 12.46 -25.62 -10.46
O4 MPD H . 12.19 -26.68 -11.41
C5 MPD H . 13.31 -24.60 -11.22
C1 MPD I . 1.52 2.58 -4.65
C2 MPD I . 0.12 2.60 -4.10
O2 MPD I . 0.14 2.39 -2.68
CM MPD I . -0.45 3.97 -4.32
C3 MPD I . -0.75 1.56 -4.82
C4 MPD I . -0.12 0.19 -5.14
O4 MPD I . 0.48 -0.39 -3.99
C5 MPD I . -1.14 -0.85 -5.60
#